data_9NAB
#
_entry.id   9NAB
#
_cell.length_a   1.00
_cell.length_b   1.00
_cell.length_c   1.00
_cell.angle_alpha   90.00
_cell.angle_beta   90.00
_cell.angle_gamma   90.00
#
_symmetry.space_group_name_H-M   'P 1'
#
loop_
_entity.id
_entity.type
_entity.pdbx_description
1 polymer 'Integrin beta-1'
2 polymer 'Human Integrin alpha 5'
3 polymer 'IgG heavy chain'
4 polymer 'IgG light chain'
#
loop_
_entity_poly.entity_id
_entity_poly.type
_entity_poly.pdbx_seq_one_letter_code
_entity_poly.pdbx_strand_id
1 'polypeptide(L)'
;QTDENRCLKANAKSCGECIQAGPNCGWCTNSTFLQEGMPTSARCDDLEALKKKGCPPDDIENPRGSKDIKKNKNVTNRSK
GTAEKLKPEDITQIQPQQLVLRLRSGEPQTFTLKFKRAEDYPIDLYYLMDLSYSMKDDLENVKSLGTDLMNEMRRITSDF
RIGFGSFVEKTVMPYISTTPAKLRNPCTSEQNCTSPFSYKNVLSLTNKGEVFNELVGKQRISGNLDSPEGGFDAIMQVAV
CGSLIGWRNVTRLLVFSTDAGFHFAGDGKLGGIVLPNDGQCHLENNMYTMSHYYDYPSIAHLVQKLSENNIQTIFAVTEE
FQPVYKELKNLIPKSAVGTLSANSSNVIQLIIDAYNSLSSEVILENGKLSEGVTISYKSYCKNGVNGTGENGRKCSNISI
GDEVQFEISITSNKCPKKDSDSFKIRPLGFTEEVEVILQYICECEGGLENLYFQGGKNAQCKKKLQALKKKNAQLKWKLQ
ALKKKLAQGGHHHHHHHH
;
A
2 'polypeptide(L)'
;FNLDAEAPAVLSGPPGSFFGFSVEFYRPGTDGVSVLVGAPKANTSQPGVLQGGAVYLCPWGASPTQCTPIEFDSKGSRLL
ESSLSSSEGEEPVEYKSLQWFGATVRAHGSSILACAPLYSWRTEKEPLSDPVGTCYLSTDNFTRILEYAPCRSDFSWAAG
QGYCQGGFSAEFTKTGRVVLGGPGSYFWQGQILSATQEQIAESYYPEYLINLVQGQLQTRQASSIYDDSYLGYSVAVGEF
SGDDTEDFVAGVPKGNLTYGYVTILNGSDIRSLYNFSGEQMASYFGYAVAATDVNGDGLDDLLVGAPLLMDRTPDGRPQE
VGRVYVYLQHPAGIEPTPTLTLTGHDEFGRFGSSLTPLGDLDQDGYNDVAIGAPFGGETQQGVVFVFPGGPGGLGSKPSQ
VLQPLWAASHTPDFFGSALRGGRDLDGNGYPDLIVGSFGVDKAVVYRGRPIVSASASLTIFPAMFNPEERSCSLEGNPVA
CINLSFCLNASGKHVADSIGFTVELQLDWQKQKGGVRRALFLASRQATLTQTLLIQNGAREDCREMKIYLRNESEFRDKL
SPIHIALNFSLDPQAPVDSHGLRPALHYQSKSRIEDKAQILLDCGEDNICVPDLQLEVFGEQNGGLENLYFQGGENAQCE
KELQALEKENAQLEWELQALEKELAQWSHPQFEKGGGSGGGSGGSAWSHPQFEK
;
B
3 'polypeptide(L)'
;EVQLQQSGPEVGRPGSSVKISCKASGYTFTGYILSWVKQSPGQGLEWIGWVDPEYGSTDSAEKFKKRATLTADISSNTAY
IQLSSLTSEDTATYFCTRYYDGYYRRWFAYWGQGTLVTVSSASTKGPSVFPLAPCSRSTSESTAALGCLVKDYFPEPVTV
SWNSGALTSGVHTFPAVLQSSGLYSLSSVVTVPSSSLGTKTYICNVNHKPSNTKVDKKVEPKYGPPCPPC
;
D
4 'polypeptide(L)'
;DIQMTQSPASLSASLGDIVSIECLASEGISNNLAWHQQKPGKSPQLLIYGAHSLHDGVPSRFSGSGSGTQYSLKISGMQP
EDEGVYYCQQGYKYPITFGGGTKLELKRTVAAPSVFIFPPSDEQLKSGTASVVCLLNNFYPREAKVQWKVDNALQSGNSQ
ESVTEQDSKDSTYSLSSTLTLSKADYEKHKVYACEVTHQGLSSPVTKSFNRGEC
;
C
#
# COMPACT_ATOMS: atom_id res chain seq x y z
N GLY A 65 -0.02 48.00 -2.67
CA GLY A 65 -0.71 46.70 -2.75
C GLY A 65 -1.42 46.37 -1.46
N SER A 66 -2.30 45.36 -1.46
CA SER A 66 -3.12 45.11 -0.25
C SER A 66 -3.44 43.61 -0.05
N LYS A 67 -3.62 43.21 1.20
CA LYS A 67 -3.97 41.79 1.51
C LYS A 67 -5.38 41.49 0.97
N ASP A 68 -6.31 42.43 1.10
CA ASP A 68 -7.70 42.23 0.58
C ASP A 68 -8.21 40.88 1.09
N ILE A 69 -8.23 40.68 2.41
CA ILE A 69 -8.64 39.37 3.00
C ILE A 69 -10.18 39.23 2.91
N LYS A 70 -10.67 38.09 2.42
CA LYS A 70 -12.13 37.88 2.22
C LYS A 70 -12.50 36.44 2.59
N LYS A 71 -13.61 36.24 3.29
CA LYS A 71 -14.03 34.88 3.74
C LYS A 71 -13.01 34.37 4.77
N ASN A 72 -12.48 35.26 5.60
CA ASN A 72 -11.57 34.82 6.69
C ASN A 72 -12.41 34.38 7.88
N LYS A 73 -13.11 33.26 7.75
CA LYS A 73 -13.86 32.75 8.93
C LYS A 73 -12.86 32.51 10.06
N ASN A 74 -13.17 33.02 11.25
CA ASN A 74 -12.20 32.92 12.37
C ASN A 74 -11.93 31.44 12.69
N VAL A 75 -10.69 31.11 13.02
CA VAL A 75 -10.33 29.70 13.30
C VAL A 75 -11.25 29.18 14.41
N THR A 76 -11.70 27.94 14.27
CA THR A 76 -12.65 27.37 15.24
C THR A 76 -12.04 27.39 16.61
N ASN A 77 -12.83 27.75 17.63
CA ASN A 77 -12.33 27.71 19.03
C ASN A 77 -11.40 26.50 19.20
N ILE A 91 -15.09 23.09 10.51
CA ILE A 91 -13.83 23.28 11.29
C ILE A 91 -12.81 24.04 10.43
N THR A 92 -12.41 25.24 10.85
CA THR A 92 -11.34 25.95 10.11
C THR A 92 -10.09 25.91 10.95
N GLN A 93 -9.04 25.26 10.42
CA GLN A 93 -7.75 25.18 11.15
C GLN A 93 -6.86 26.32 10.66
N ILE A 94 -7.20 26.92 9.52
CA ILE A 94 -6.30 27.96 8.98
C ILE A 94 -7.12 29.20 8.54
N GLN A 95 -6.81 30.36 9.12
CA GLN A 95 -7.49 31.63 8.76
C GLN A 95 -6.42 32.63 8.31
N PRO A 96 -6.57 33.41 7.22
CA PRO A 96 -7.80 33.44 6.37
C PRO A 96 -8.02 32.13 5.64
N GLN A 97 -9.27 31.78 5.34
CA GLN A 97 -9.51 30.58 4.50
C GLN A 97 -9.58 31.09 3.07
N GLN A 98 -9.50 32.41 2.90
CA GLN A 98 -9.45 32.97 1.54
C GLN A 98 -8.98 34.43 1.62
N LEU A 99 -8.25 34.90 0.60
CA LEU A 99 -7.83 36.32 0.54
C LEU A 99 -7.37 36.63 -0.87
N VAL A 100 -7.34 37.90 -1.27
CA VAL A 100 -6.76 38.19 -2.61
C VAL A 100 -5.67 39.27 -2.46
N LEU A 101 -4.40 38.86 -2.55
CA LEU A 101 -3.28 39.82 -2.45
C LEU A 101 -3.25 40.64 -3.75
N ARG A 102 -2.65 41.84 -3.74
CA ARG A 102 -2.75 42.67 -4.96
C ARG A 102 -1.52 43.55 -5.27
N LEU A 103 -0.37 42.98 -5.61
CA LEU A 103 0.79 43.81 -6.06
C LEU A 103 1.83 42.89 -6.72
N ARG A 104 2.87 43.44 -7.35
CA ARG A 104 3.79 42.55 -8.10
C ARG A 104 5.28 42.74 -7.77
N SER A 105 5.98 43.61 -8.51
CA SER A 105 7.45 43.71 -8.33
C SER A 105 7.79 44.12 -6.89
N GLY A 106 8.72 43.41 -6.25
CA GLY A 106 9.15 43.76 -4.88
C GLY A 106 8.05 43.50 -3.88
N GLU A 107 7.02 42.75 -4.28
CA GLU A 107 5.87 42.54 -3.38
C GLU A 107 6.35 41.74 -2.17
N PRO A 108 6.15 42.20 -0.94
CA PRO A 108 6.45 41.38 0.26
C PRO A 108 5.14 41.06 0.93
N GLN A 109 4.04 41.11 0.17
CA GLN A 109 2.72 40.98 0.85
C GLN A 109 2.75 39.74 1.73
N THR A 110 2.61 39.97 3.02
CA THR A 110 2.61 38.85 3.95
C THR A 110 1.26 38.82 4.60
N PHE A 111 0.65 37.64 4.59
CA PHE A 111 -0.65 37.49 5.31
C PHE A 111 -0.41 36.46 6.37
N THR A 112 -0.63 36.88 7.61
CA THR A 112 -0.44 35.92 8.69
C THR A 112 -1.48 34.82 8.58
N LEU A 113 -1.04 33.61 8.25
CA LEU A 113 -1.90 32.42 8.34
C LEU A 113 -1.89 31.92 9.77
N LYS A 114 -2.86 32.38 10.56
CA LYS A 114 -3.01 31.90 11.93
C LYS A 114 -3.49 30.46 11.86
N PHE A 115 -2.56 29.52 11.98
CA PHE A 115 -2.88 28.11 11.89
C PHE A 115 -3.10 27.60 13.31
N LYS A 116 -4.32 27.15 13.58
CA LYS A 116 -4.68 26.60 14.88
C LYS A 116 -5.01 25.13 14.70
N ARG A 117 -4.21 24.27 15.32
CA ARG A 117 -4.44 22.83 15.22
C ARG A 117 -5.73 22.47 15.94
N ALA A 118 -6.79 22.22 15.17
CA ALA A 118 -8.10 21.97 15.76
C ALA A 118 -8.18 20.55 16.30
N GLU A 119 -8.64 20.43 17.54
CA GLU A 119 -8.82 19.12 18.13
C GLU A 119 -9.94 18.36 17.41
N ASP A 120 -9.76 17.05 17.27
CA ASP A 120 -10.75 16.17 16.66
C ASP A 120 -11.04 16.57 15.21
N TYR A 121 -10.00 16.51 14.39
CA TYR A 121 -10.21 16.65 12.96
C TYR A 121 -10.12 15.29 12.29
N PRO A 122 -11.10 14.92 11.47
CA PRO A 122 -11.18 13.52 11.00
C PRO A 122 -9.96 13.10 10.21
N ILE A 123 -9.61 11.82 10.35
CA ILE A 123 -8.42 11.25 9.73
C ILE A 123 -8.79 9.93 9.06
N ASP A 124 -8.37 9.77 7.81
CA ASP A 124 -8.46 8.51 7.08
C ASP A 124 -7.08 7.90 6.99
N LEU A 125 -6.97 6.59 7.23
CA LEU A 125 -5.69 5.91 7.21
C LEU A 125 -5.77 4.67 6.33
N TYR A 126 -4.70 4.43 5.57
CA TYR A 126 -4.55 3.25 4.75
C TYR A 126 -3.22 2.60 5.09
N TYR A 127 -3.24 1.33 5.46
CA TYR A 127 -2.03 0.61 5.85
C TYR A 127 -1.61 -0.28 4.69
N LEU A 128 -0.66 0.19 3.90
CA LEU A 128 -0.06 -0.61 2.84
C LEU A 128 1.06 -1.46 3.43
N MET A 129 0.97 -2.76 3.23
CA MET A 129 1.84 -3.71 3.92
C MET A 129 2.58 -4.59 2.92
N ASP A 130 3.86 -4.81 3.20
CA ASP A 130 4.65 -5.74 2.40
C ASP A 130 4.21 -7.17 2.67
N LEU A 131 3.98 -7.93 1.60
CA LEU A 131 3.50 -9.30 1.70
C LEU A 131 4.51 -10.29 1.14
N SER A 132 5.77 -9.88 0.98
CA SER A 132 6.82 -10.83 0.68
C SER A 132 7.11 -11.68 1.92
N TYR A 133 7.85 -12.76 1.72
CA TYR A 133 8.02 -13.73 2.80
C TYR A 133 8.77 -13.16 4.00
N SER A 134 9.50 -12.06 3.82
CA SER A 134 10.17 -11.45 4.95
C SER A 134 9.19 -10.87 5.97
N MET A 135 7.96 -10.54 5.56
CA MET A 135 6.95 -10.01 6.46
C MET A 135 5.88 -11.05 6.80
N LYS A 136 6.20 -12.33 6.70
CA LYS A 136 5.25 -13.36 7.13
C LYS A 136 4.92 -13.22 8.60
N ASP A 137 5.94 -12.96 9.44
CA ASP A 137 5.70 -12.72 10.86
C ASP A 137 5.14 -11.32 11.11
N ASP A 138 5.48 -10.34 10.26
CA ASP A 138 4.94 -9.00 10.45
C ASP A 138 3.43 -8.96 10.21
N LEU A 139 2.94 -9.79 9.28
CA LEU A 139 1.52 -9.82 9.00
C LEU A 139 0.71 -10.28 10.20
N GLU A 140 1.27 -11.17 11.01
CA GLU A 140 0.56 -11.62 12.21
C GLU A 140 0.33 -10.47 13.18
N ASN A 141 1.33 -9.58 13.32
CA ASN A 141 1.14 -8.40 14.16
C ASN A 141 0.19 -7.40 13.52
N VAL A 142 0.27 -7.24 12.19
CA VAL A 142 -0.63 -6.32 11.50
C VAL A 142 -2.07 -6.83 11.51
N LYS A 143 -2.28 -8.12 11.81
CA LYS A 143 -3.62 -8.69 11.81
C LYS A 143 -4.57 -7.89 12.68
N SER A 144 -4.21 -7.67 13.95
CA SER A 144 -5.03 -6.90 14.87
C SER A 144 -4.48 -5.48 14.96
N LEU A 145 -4.70 -4.71 13.88
CA LEU A 145 -4.20 -3.32 13.84
C LEU A 145 -5.36 -2.31 13.74
N GLY A 146 -6.36 -2.59 12.90
CA GLY A 146 -7.44 -1.62 12.67
C GLY A 146 -8.07 -1.14 13.96
N THR A 147 -8.55 -2.07 14.80
CA THR A 147 -9.18 -1.70 16.08
C THR A 147 -8.18 -0.94 16.93
N ASP A 148 -6.94 -1.45 17.03
CA ASP A 148 -5.90 -0.83 17.91
C ASP A 148 -5.56 0.58 17.41
N LEU A 149 -5.36 0.78 16.11
CA LEU A 149 -4.95 2.10 15.60
C LEU A 149 -6.07 3.11 15.92
N MET A 150 -7.33 2.72 15.70
CA MET A 150 -8.48 3.60 16.03
C MET A 150 -8.46 3.87 17.53
N ASN A 151 -8.34 2.81 18.33
CA ASN A 151 -8.37 2.95 19.81
C ASN A 151 -7.29 3.95 20.25
N GLU A 152 -6.22 4.10 19.45
CA GLU A 152 -5.15 5.00 19.82
C GLU A 152 -5.33 6.39 19.20
N MET A 153 -5.92 6.47 18.01
CA MET A 153 -6.20 7.77 17.41
C MET A 153 -7.50 8.38 17.94
N ARG A 154 -8.21 7.67 18.82
CA ARG A 154 -9.34 8.27 19.53
C ARG A 154 -8.94 9.61 20.16
N ARG A 155 -7.81 9.62 20.86
CA ARG A 155 -7.36 10.80 21.59
C ARG A 155 -6.94 11.94 20.68
N ILE A 156 -6.81 11.70 19.38
CA ILE A 156 -6.40 12.74 18.44
C ILE A 156 -7.51 13.16 17.49
N THR A 157 -8.48 12.30 17.19
CA THR A 157 -9.54 12.64 16.25
C THR A 157 -10.83 12.00 16.70
N SER A 158 -11.94 12.60 16.26
CA SER A 158 -13.27 12.09 16.59
C SER A 158 -13.87 11.21 15.50
N ASP A 159 -13.32 11.22 14.29
CA ASP A 159 -13.87 10.47 13.17
C ASP A 159 -12.70 9.91 12.36
N PHE A 160 -12.49 8.60 12.44
CA PHE A 160 -11.32 7.97 11.84
C PHE A 160 -11.73 6.72 11.08
N ARG A 161 -11.01 6.41 10.01
CA ARG A 161 -11.26 5.25 9.16
C ARG A 161 -9.95 4.56 8.84
N ILE A 162 -10.02 3.28 8.50
CA ILE A 162 -8.83 2.49 8.17
C ILE A 162 -9.13 1.59 6.98
N GLY A 163 -8.12 1.42 6.13
CA GLY A 163 -8.20 0.48 5.03
C GLY A 163 -6.86 -0.21 4.85
N PHE A 164 -6.87 -1.30 4.09
CA PHE A 164 -5.69 -2.14 3.95
C PHE A 164 -5.40 -2.44 2.49
N GLY A 165 -4.10 -2.53 2.18
CA GLY A 165 -3.65 -3.00 0.88
C GLY A 165 -2.49 -3.94 1.05
N SER A 166 -2.22 -4.70 -0.02
CA SER A 166 -1.17 -5.70 -0.02
C SER A 166 -0.30 -5.53 -1.26
N PHE A 167 0.98 -5.89 -1.12
CA PHE A 167 1.88 -5.86 -2.26
C PHE A 167 3.02 -6.84 -2.00
N VAL A 168 3.46 -7.50 -3.06
CA VAL A 168 4.65 -8.36 -2.96
C VAL A 168 5.69 -7.94 -3.97
N GLU A 169 5.36 -8.06 -5.25
CA GLU A 169 6.30 -7.84 -6.34
C GLU A 169 5.57 -8.02 -7.65
N LYS A 170 6.17 -7.51 -8.73
CA LYS A 170 5.63 -7.71 -10.05
C LYS A 170 5.69 -9.18 -10.45
N THR A 171 4.69 -9.62 -11.21
CA THR A 171 4.45 -11.05 -11.46
C THR A 171 5.17 -11.54 -12.70
N VAL A 172 6.47 -11.26 -12.83
CA VAL A 172 7.27 -11.68 -13.96
C VAL A 172 8.70 -11.91 -13.50
N MET A 173 9.49 -12.52 -14.37
CA MET A 173 10.93 -12.64 -14.15
C MET A 173 11.55 -11.24 -14.21
N PRO A 174 12.73 -11.06 -13.57
CA PRO A 174 13.49 -11.99 -12.74
C PRO A 174 13.13 -11.85 -11.27
N TYR A 175 12.22 -10.94 -10.95
CA TYR A 175 11.82 -10.74 -9.56
C TYR A 175 11.17 -11.98 -8.98
N ILE A 176 10.64 -12.86 -9.83
CA ILE A 176 10.21 -14.20 -9.44
C ILE A 176 10.67 -15.16 -10.51
N SER A 177 10.72 -16.44 -10.13
CA SER A 177 11.03 -17.50 -11.08
C SER A 177 9.76 -17.92 -11.80
N THR A 178 9.81 -17.95 -13.13
CA THR A 178 8.64 -18.26 -13.96
C THR A 178 8.53 -19.74 -14.30
N THR A 179 9.09 -20.61 -13.47
CA THR A 179 8.87 -22.04 -13.67
C THR A 179 7.42 -22.37 -13.36
N PRO A 180 6.86 -23.38 -14.04
CA PRO A 180 5.48 -23.80 -13.70
C PRO A 180 5.33 -24.24 -12.25
N ALA A 181 6.37 -24.86 -11.67
CA ALA A 181 6.26 -25.35 -10.30
C ALA A 181 6.31 -24.20 -9.30
N LYS A 182 7.14 -23.20 -9.56
CA LYS A 182 7.36 -22.12 -8.61
C LYS A 182 6.49 -20.90 -8.88
N LEU A 183 5.76 -20.85 -9.98
CA LEU A 183 4.82 -19.75 -10.20
C LEU A 183 3.67 -19.79 -9.20
N ARG A 184 3.25 -20.99 -8.79
CA ARG A 184 2.24 -21.10 -7.75
C ARG A 184 2.83 -20.81 -6.37
N ASN A 185 4.08 -21.19 -6.15
CA ASN A 185 4.76 -21.04 -4.87
C ASN A 185 6.11 -20.37 -5.11
N PRO A 186 6.14 -19.04 -5.18
CA PRO A 186 7.41 -18.35 -5.50
C PRO A 186 8.51 -18.59 -4.49
N CYS A 187 8.18 -18.90 -3.24
CA CYS A 187 9.19 -19.20 -2.24
C CYS A 187 9.66 -20.65 -2.41
N THR A 188 10.38 -21.16 -1.43
CA THR A 188 10.87 -22.54 -1.50
C THR A 188 9.70 -23.52 -1.42
N SER A 189 10.00 -24.79 -1.66
CA SER A 189 8.97 -25.82 -1.65
C SER A 189 8.33 -25.95 -0.27
N GLU A 190 9.14 -25.89 0.79
CA GLU A 190 8.60 -26.00 2.13
C GLU A 190 7.72 -24.81 2.49
N GLN A 191 8.13 -23.61 2.11
CA GLN A 191 7.39 -22.39 2.44
C GLN A 191 6.23 -22.24 1.47
N ASN A 192 5.02 -22.49 1.95
CA ASN A 192 3.84 -22.28 1.13
C ASN A 192 3.60 -20.79 0.93
N CYS A 193 3.39 -20.38 -0.32
CA CYS A 193 3.22 -18.98 -0.64
C CYS A 193 2.20 -18.83 -1.76
N THR A 194 1.41 -17.77 -1.69
CA THR A 194 0.49 -17.43 -2.76
C THR A 194 1.27 -16.99 -4.00
N SER A 195 0.67 -17.19 -5.16
CA SER A 195 1.29 -16.71 -6.39
C SER A 195 1.53 -15.21 -6.30
N PRO A 196 2.64 -14.70 -6.85
CA PRO A 196 2.98 -13.29 -6.67
C PRO A 196 1.92 -12.36 -7.24
N PHE A 197 1.79 -11.19 -6.61
CA PHE A 197 0.86 -10.17 -7.04
C PHE A 197 1.44 -8.80 -6.71
N SER A 198 1.32 -7.87 -7.66
CA SER A 198 1.88 -6.55 -7.45
C SER A 198 1.16 -5.80 -6.33
N TYR A 199 -0.17 -5.76 -6.40
CA TYR A 199 -0.95 -5.04 -5.40
C TYR A 199 -2.37 -5.58 -5.41
N LYS A 200 -2.94 -5.78 -4.21
CA LYS A 200 -4.31 -6.21 -4.06
C LYS A 200 -4.98 -5.33 -3.01
N ASN A 201 -6.00 -4.58 -3.42
CA ASN A 201 -6.74 -3.75 -2.48
C ASN A 201 -7.59 -4.65 -1.60
N VAL A 202 -7.05 -5.04 -0.45
CA VAL A 202 -7.73 -5.99 0.42
C VAL A 202 -9.01 -5.38 0.97
N LEU A 203 -8.94 -4.13 1.41
CA LEU A 203 -10.08 -3.47 2.04
C LEU A 203 -10.11 -2.01 1.62
N SER A 204 -11.29 -1.50 1.30
CA SER A 204 -11.49 -0.09 1.07
C SER A 204 -11.82 0.60 2.39
N LEU A 205 -11.48 1.88 2.47
CA LEU A 205 -11.65 2.69 3.67
C LEU A 205 -13.04 2.52 4.26
N THR A 206 -13.09 2.09 5.52
CA THR A 206 -14.34 1.93 6.24
C THR A 206 -14.12 2.29 7.70
N ASN A 207 -15.19 2.73 8.35
CA ASN A 207 -15.13 3.03 9.78
C ASN A 207 -15.18 1.81 10.62
N LYS A 208 -15.13 0.65 9.97
CA LYS A 208 -15.20 -0.64 10.63
C LYS A 208 -13.80 -1.24 10.65
N GLY A 209 -13.10 -1.12 11.78
CA GLY A 209 -11.81 -1.76 11.91
C GLY A 209 -11.89 -3.27 11.97
N GLU A 210 -13.07 -3.80 12.29
CA GLU A 210 -13.26 -5.24 12.29
C GLU A 210 -13.10 -5.82 10.88
N VAL A 211 -13.63 -5.12 9.88
CA VAL A 211 -13.45 -5.55 8.49
C VAL A 211 -11.97 -5.51 8.13
N PHE A 212 -11.26 -4.47 8.59
CA PHE A 212 -9.82 -4.42 8.40
C PHE A 212 -9.15 -5.66 8.97
N ASN A 213 -9.45 -6.00 10.21
CA ASN A 213 -8.81 -7.14 10.86
C ASN A 213 -9.12 -8.43 10.13
N GLU A 214 -10.40 -8.65 9.77
CA GLU A 214 -10.79 -9.89 9.14
C GLU A 214 -10.17 -10.03 7.75
N LEU A 215 -10.25 -8.98 6.94
CA LEU A 215 -9.70 -9.04 5.59
C LEU A 215 -8.18 -9.15 5.61
N VAL A 216 -7.52 -8.60 6.63
CA VAL A 216 -6.09 -8.77 6.76
C VAL A 216 -5.76 -10.20 7.14
N GLY A 217 -6.51 -10.77 8.07
CA GLY A 217 -6.28 -12.15 8.46
C GLY A 217 -6.50 -13.13 7.32
N LYS A 218 -7.47 -12.83 6.45
CA LYS A 218 -7.72 -13.69 5.29
C LYS A 218 -6.58 -13.64 4.28
N GLN A 219 -5.75 -12.60 4.32
CA GLN A 219 -4.65 -12.49 3.37
C GLN A 219 -3.60 -13.57 3.61
N ARG A 220 -3.13 -14.16 2.53
CA ARG A 220 -2.12 -15.22 2.58
C ARG A 220 -0.77 -14.65 2.19
N ILE A 221 0.27 -15.11 2.88
CA ILE A 221 1.61 -14.61 2.60
C ILE A 221 2.04 -15.05 1.20
N SER A 222 2.86 -14.20 0.56
CA SER A 222 3.40 -14.50 -0.75
C SER A 222 4.91 -14.34 -0.70
N GLY A 223 5.58 -14.37 -1.85
CA GLY A 223 7.01 -14.21 -1.86
C GLY A 223 7.52 -13.78 -3.23
N ASN A 224 8.78 -13.37 -3.24
CA ASN A 224 9.48 -13.06 -4.48
C ASN A 224 10.90 -13.59 -4.35
N LEU A 225 11.77 -13.17 -5.25
CA LEU A 225 13.13 -13.70 -5.33
C LEU A 225 14.20 -12.71 -4.92
N ASP A 226 14.13 -11.46 -5.38
CA ASP A 226 15.12 -10.46 -5.02
C ASP A 226 14.70 -9.74 -3.74
N SER A 227 15.70 -9.21 -3.03
CA SER A 227 15.44 -8.58 -1.74
C SER A 227 14.53 -7.36 -1.82
N PRO A 228 14.74 -6.40 -2.73
CA PRO A 228 13.81 -5.27 -2.81
C PRO A 228 12.41 -5.73 -3.21
N GLU A 229 11.41 -4.98 -2.75
CA GLU A 229 10.01 -5.33 -2.97
C GLU A 229 9.31 -4.21 -3.73
N GLY A 230 8.33 -4.59 -4.53
CA GLY A 230 7.58 -3.63 -5.32
C GLY A 230 6.43 -2.99 -4.58
N GLY A 231 6.74 -2.03 -3.70
CA GLY A 231 5.72 -1.31 -2.98
C GLY A 231 5.32 0.02 -3.54
N PHE A 232 6.10 0.55 -4.49
CA PHE A 232 5.81 1.88 -5.01
C PHE A 232 4.62 1.86 -5.97
N ASP A 233 4.49 0.80 -6.77
CA ASP A 233 3.30 0.67 -7.59
C ASP A 233 2.05 0.53 -6.73
N ALA A 234 2.16 -0.19 -5.61
CA ALA A 234 1.05 -0.29 -4.68
C ALA A 234 0.73 1.06 -4.05
N ILE A 235 1.76 1.84 -3.70
CA ILE A 235 1.51 3.16 -3.14
C ILE A 235 0.77 4.03 -4.14
N MET A 236 1.21 4.02 -5.39
CA MET A 236 0.51 4.80 -6.41
C MET A 236 -0.92 4.32 -6.59
N GLN A 237 -1.13 3.01 -6.62
CA GLN A 237 -2.49 2.50 -6.82
C GLN A 237 -3.40 2.86 -5.65
N VAL A 238 -2.88 2.82 -4.43
CA VAL A 238 -3.65 3.26 -3.28
C VAL A 238 -3.99 4.73 -3.40
N ALA A 239 -3.04 5.55 -3.84
CA ALA A 239 -3.28 6.99 -3.93
C ALA A 239 -4.31 7.32 -5.00
N VAL A 240 -4.16 6.79 -6.21
CA VAL A 240 -4.91 7.30 -7.35
C VAL A 240 -6.40 6.98 -7.22
N CYS A 241 -6.72 5.78 -6.73
CA CYS A 241 -8.10 5.29 -6.70
C CYS A 241 -8.85 5.91 -5.52
N GLY A 242 -9.16 7.20 -5.67
CA GLY A 242 -9.81 7.91 -4.59
C GLY A 242 -11.18 7.35 -4.27
N SER A 243 -11.98 7.08 -5.30
CA SER A 243 -13.33 6.58 -5.08
C SER A 243 -13.31 5.12 -4.62
N LEU A 244 -12.50 4.29 -5.28
CA LEU A 244 -12.53 2.86 -5.00
C LEU A 244 -11.89 2.55 -3.65
N ILE A 245 -10.75 3.17 -3.36
CA ILE A 245 -10.14 3.01 -2.03
C ILE A 245 -11.06 3.60 -0.97
N GLY A 246 -11.73 4.70 -1.28
CA GLY A 246 -12.66 5.31 -0.37
C GLY A 246 -12.15 6.52 0.37
N TRP A 247 -11.26 7.31 -0.24
CA TRP A 247 -10.72 8.48 0.43
C TRP A 247 -11.80 9.51 0.66
N ARG A 248 -11.78 10.13 1.84
CA ARG A 248 -12.68 11.22 2.17
C ARG A 248 -11.94 12.54 2.11
N ASN A 249 -12.67 13.63 2.34
CA ASN A 249 -12.07 14.97 2.39
C ASN A 249 -11.59 15.26 3.82
N VAL A 250 -10.63 14.45 4.26
CA VAL A 250 -10.01 14.56 5.57
C VAL A 250 -8.50 14.37 5.40
N THR A 251 -7.78 14.36 6.52
CA THR A 251 -6.35 14.06 6.47
C THR A 251 -6.15 12.57 6.21
N ARG A 252 -5.30 12.25 5.25
CA ARG A 252 -5.07 10.88 4.84
C ARG A 252 -3.66 10.47 5.21
N LEU A 253 -3.52 9.30 5.82
CA LEU A 253 -2.24 8.74 6.22
C LEU A 253 -2.03 7.39 5.54
N LEU A 254 -0.83 7.16 5.04
CA LEU A 254 -0.49 5.89 4.38
C LEU A 254 0.73 5.30 5.08
N VAL A 255 0.51 4.34 5.97
CA VAL A 255 1.60 3.70 6.69
C VAL A 255 2.15 2.61 5.78
N PHE A 256 3.22 2.93 5.05
CA PHE A 256 3.84 2.00 4.11
C PHE A 256 4.89 1.21 4.87
N SER A 257 4.63 -0.08 5.07
CA SER A 257 5.42 -0.93 5.95
C SER A 257 6.25 -1.91 5.12
N THR A 258 7.57 -1.85 5.29
CA THR A 258 8.49 -2.80 4.66
C THR A 258 9.59 -3.14 5.65
N ASP A 259 10.24 -4.29 5.41
CA ASP A 259 11.46 -4.64 6.12
C ASP A 259 12.67 -4.74 5.21
N ALA A 260 12.47 -4.74 3.88
CA ALA A 260 13.54 -4.76 2.91
C ALA A 260 13.55 -3.46 2.14
N GLY A 261 14.44 -3.37 1.16
CA GLY A 261 14.50 -2.21 0.31
C GLY A 261 13.26 -2.06 -0.54
N PHE A 262 13.33 -1.14 -1.48
CA PHE A 262 12.19 -0.85 -2.33
C PHE A 262 12.63 -0.78 -3.79
N HIS A 263 11.84 -1.39 -4.66
CA HIS A 263 12.02 -1.20 -6.08
C HIS A 263 11.46 0.16 -6.48
N PHE A 264 11.98 0.70 -7.57
CA PHE A 264 11.49 1.98 -8.08
C PHE A 264 11.64 1.97 -9.59
N ALA A 265 11.43 3.13 -10.21
CA ALA A 265 11.59 3.25 -11.65
C ALA A 265 13.01 2.88 -12.07
N GLY A 266 13.11 2.13 -13.16
CA GLY A 266 14.38 1.58 -13.61
C GLY A 266 14.63 0.17 -13.12
N ASP A 267 14.13 -0.18 -11.94
CA ASP A 267 14.25 -1.55 -11.45
C ASP A 267 13.44 -2.52 -12.30
N GLY A 268 12.51 -2.02 -13.12
CA GLY A 268 11.70 -2.83 -13.98
C GLY A 268 12.32 -3.22 -15.29
N LYS A 269 13.46 -2.62 -15.65
CA LYS A 269 14.12 -2.95 -16.91
C LYS A 269 14.61 -4.38 -16.91
N LEU A 270 14.87 -4.95 -15.73
CA LEU A 270 15.35 -6.33 -15.66
C LEU A 270 14.32 -7.31 -16.20
N GLY A 271 13.05 -7.10 -15.86
CA GLY A 271 11.96 -7.94 -16.30
C GLY A 271 11.32 -7.54 -17.61
N GLY A 272 11.91 -6.58 -18.32
CA GLY A 272 11.31 -6.09 -19.53
C GLY A 272 10.02 -5.34 -19.30
N ILE A 273 9.93 -4.59 -18.20
CA ILE A 273 8.79 -3.74 -17.92
C ILE A 273 9.24 -2.29 -18.09
N VAL A 274 9.02 -1.75 -19.29
CA VAL A 274 9.63 -0.50 -19.68
C VAL A 274 8.67 0.68 -19.62
N LEU A 275 7.37 0.44 -19.56
CA LEU A 275 6.45 1.56 -19.43
C LEU A 275 6.16 1.81 -17.96
N PRO A 276 6.43 3.01 -17.45
CA PRO A 276 6.37 3.26 -16.01
C PRO A 276 4.93 3.33 -15.51
N ASN A 277 4.81 3.40 -14.19
CA ASN A 277 3.50 3.58 -13.57
C ASN A 277 2.90 4.92 -14.00
N ASP A 278 1.85 4.88 -14.82
CA ASP A 278 1.26 6.09 -15.36
C ASP A 278 0.51 6.90 -14.30
N GLY A 279 0.15 6.29 -13.19
CA GLY A 279 -0.58 7.00 -12.16
C GLY A 279 -2.07 7.08 -12.39
N GLN A 280 -2.70 5.96 -12.73
CA GLN A 280 -4.15 5.87 -12.89
C GLN A 280 -4.67 4.69 -12.09
N CYS A 281 -5.99 4.57 -12.06
CA CYS A 281 -6.65 3.53 -11.27
C CYS A 281 -6.77 2.27 -12.14
N HIS A 282 -5.81 1.36 -11.98
CA HIS A 282 -5.79 0.10 -12.71
C HIS A 282 -6.22 -1.07 -11.83
N LEU A 283 -7.22 -0.84 -10.98
CA LEU A 283 -7.68 -1.82 -10.02
C LEU A 283 -8.93 -2.50 -10.57
N GLU A 284 -8.80 -3.77 -10.93
CA GLU A 284 -9.92 -4.59 -11.39
C GLU A 284 -10.15 -5.70 -10.38
N ASN A 285 -11.37 -5.78 -9.86
CA ASN A 285 -11.74 -6.78 -8.84
C ASN A 285 -10.80 -6.70 -7.64
N ASN A 286 -10.47 -5.48 -7.22
CA ASN A 286 -9.58 -5.23 -6.08
C ASN A 286 -8.22 -5.90 -6.29
N MET A 287 -7.72 -5.89 -7.52
CA MET A 287 -6.45 -6.53 -7.85
C MET A 287 -5.77 -5.72 -8.93
N TYR A 288 -4.53 -5.32 -8.67
CA TYR A 288 -3.72 -4.56 -9.63
C TYR A 288 -3.20 -5.53 -10.68
N THR A 289 -4.08 -5.89 -11.61
CA THR A 289 -3.77 -6.90 -12.62
C THR A 289 -2.80 -6.43 -13.67
N MET A 290 -2.44 -5.14 -13.68
CA MET A 290 -1.57 -4.57 -14.69
C MET A 290 -0.11 -4.51 -14.24
N SER A 291 0.32 -5.49 -13.44
CA SER A 291 1.72 -5.53 -13.00
C SER A 291 2.67 -5.68 -14.17
N HIS A 292 2.41 -6.66 -15.04
CA HIS A 292 3.29 -6.96 -16.15
C HIS A 292 3.41 -5.83 -17.16
N TYR A 293 2.51 -4.86 -17.12
CA TYR A 293 2.49 -3.77 -18.08
C TYR A 293 3.18 -2.52 -17.56
N TYR A 294 3.04 -2.22 -16.27
CA TYR A 294 3.54 -0.98 -15.68
C TYR A 294 4.72 -1.25 -14.76
N ASP A 295 5.66 -0.32 -14.76
CA ASP A 295 6.85 -0.35 -13.92
C ASP A 295 6.57 0.30 -12.57
N TYR A 296 7.48 0.06 -11.62
CA TYR A 296 7.42 0.79 -10.37
C TYR A 296 7.64 2.28 -10.64
N PRO A 297 6.96 3.15 -9.92
CA PRO A 297 7.14 4.59 -10.14
C PRO A 297 8.44 5.11 -9.53
N SER A 298 8.89 6.23 -10.07
CA SER A 298 10.00 6.95 -9.48
C SER A 298 9.59 7.56 -8.14
N ILE A 299 10.59 7.92 -7.34
CA ILE A 299 10.31 8.57 -6.06
C ILE A 299 9.66 9.92 -6.29
N ALA A 300 10.05 10.64 -7.34
CA ALA A 300 9.45 11.93 -7.64
C ALA A 300 7.96 11.79 -7.95
N HIS A 301 7.59 10.81 -8.78
CA HIS A 301 6.18 10.62 -9.11
C HIS A 301 5.39 10.14 -7.90
N LEU A 302 6.00 9.29 -7.07
CA LEU A 302 5.35 8.88 -5.83
C LEU A 302 5.11 10.08 -4.93
N VAL A 303 6.09 10.98 -4.84
CA VAL A 303 5.93 12.20 -4.06
C VAL A 303 4.78 13.03 -4.60
N GLN A 304 4.73 13.18 -5.92
CA GLN A 304 3.68 13.99 -6.53
C GLN A 304 2.30 13.42 -6.23
N LYS A 305 2.15 12.10 -6.34
CA LYS A 305 0.84 11.50 -6.11
C LYS A 305 0.48 11.46 -4.63
N LEU A 306 1.47 11.37 -3.74
CA LEU A 306 1.17 11.36 -2.31
C LEU A 306 0.80 12.75 -1.83
N SER A 307 1.49 13.78 -2.32
CA SER A 307 1.19 15.14 -1.89
C SER A 307 -0.10 15.66 -2.54
N GLU A 308 -0.29 15.38 -3.83
CA GLU A 308 -1.48 15.88 -4.53
C GLU A 308 -2.77 15.25 -4.01
N ASN A 309 -2.68 14.15 -3.29
CA ASN A 309 -3.86 13.49 -2.74
C ASN A 309 -3.96 13.62 -1.23
N ASN A 310 -3.24 14.58 -0.65
CA ASN A 310 -3.31 14.89 0.78
C ASN A 310 -3.03 13.65 1.64
N ILE A 311 -2.03 12.88 1.25
CA ILE A 311 -1.68 11.64 1.93
C ILE A 311 -0.31 11.83 2.57
N GLN A 312 -0.24 11.66 3.88
CA GLN A 312 0.99 11.77 4.65
C GLN A 312 1.52 10.36 4.91
N THR A 313 2.61 10.01 4.25
CA THR A 313 3.17 8.67 4.36
C THR A 313 3.91 8.51 5.69
N ILE A 314 3.81 7.33 6.26
CA ILE A 314 4.57 6.94 7.45
C ILE A 314 5.36 5.70 7.06
N PHE A 315 6.63 5.90 6.68
CA PHE A 315 7.47 4.81 6.20
C PHE A 315 7.96 4.00 7.39
N ALA A 316 7.12 3.06 7.83
CA ALA A 316 7.48 2.17 8.91
C ALA A 316 8.39 1.06 8.37
N VAL A 317 9.70 1.20 8.59
CA VAL A 317 10.68 0.25 8.08
C VAL A 317 11.62 -0.17 9.19
N THR A 318 12.30 -1.28 8.98
CA THR A 318 13.14 -1.88 10.01
C THR A 318 14.46 -1.11 10.15
N GLU A 319 15.24 -1.52 11.15
CA GLU A 319 16.48 -0.81 11.46
C GLU A 319 17.59 -1.11 10.46
N GLU A 320 17.54 -2.27 9.80
CA GLU A 320 18.56 -2.58 8.80
C GLU A 320 18.47 -1.62 7.62
N PHE A 321 17.27 -1.13 7.31
CA PHE A 321 17.07 -0.13 6.28
C PHE A 321 16.69 1.23 6.86
N GLN A 322 16.94 1.45 8.14
CA GLN A 322 16.72 2.78 8.71
C GLN A 322 17.59 3.85 8.06
N PRO A 323 18.90 3.64 7.84
CA PRO A 323 19.66 4.63 7.07
C PRO A 323 19.25 4.74 5.62
N VAL A 324 18.24 3.99 5.20
CA VAL A 324 17.72 4.04 3.83
C VAL A 324 16.47 4.91 3.83
N TYR A 325 15.45 4.50 4.58
CA TYR A 325 14.21 5.27 4.58
C TYR A 325 14.31 6.55 5.37
N LYS A 326 15.28 6.66 6.29
CA LYS A 326 15.52 7.93 6.96
C LYS A 326 15.96 8.99 5.98
N GLU A 327 16.84 8.62 5.05
CA GLU A 327 17.17 9.53 3.94
C GLU A 327 15.98 9.69 3.00
N LEU A 328 15.19 8.63 2.82
CA LEU A 328 14.03 8.73 1.93
C LEU A 328 13.06 9.79 2.40
N LYS A 329 12.83 9.88 3.71
CA LYS A 329 11.90 10.87 4.26
C LYS A 329 12.39 12.29 4.01
N ASN A 330 13.69 12.48 3.80
CA ASN A 330 14.22 13.82 3.54
C ASN A 330 13.74 14.36 2.20
N LEU A 331 13.45 13.48 1.25
CA LEU A 331 12.92 13.92 -0.03
C LEU A 331 11.40 13.94 -0.07
N ILE A 332 10.75 13.00 0.59
CA ILE A 332 9.29 12.88 0.48
C ILE A 332 8.65 13.81 1.51
N PRO A 333 7.89 14.81 1.08
CA PRO A 333 7.30 15.75 2.05
C PRO A 333 6.24 15.09 2.91
N LYS A 334 6.10 15.62 4.12
CA LYS A 334 5.10 15.15 5.09
C LYS A 334 5.25 13.65 5.38
N SER A 335 6.48 13.22 5.67
CA SER A 335 6.76 11.86 6.06
C SER A 335 7.44 11.83 7.42
N ALA A 336 7.40 10.66 8.05
CA ALA A 336 8.08 10.47 9.33
C ALA A 336 8.41 8.99 9.44
N VAL A 337 9.67 8.68 9.13
CA VAL A 337 10.13 7.26 9.14
C VAL A 337 10.22 6.81 10.59
N GLY A 338 10.16 5.50 10.82
CA GLY A 338 10.30 4.99 12.19
C GLY A 338 10.82 3.58 12.11
N THR A 339 11.34 3.05 13.22
CA THR A 339 11.95 1.71 13.18
C THR A 339 11.03 0.72 13.82
N LEU A 340 10.93 -0.47 13.25
CA LEU A 340 10.17 -1.54 13.87
C LEU A 340 11.08 -2.73 14.16
N SER A 341 10.59 -3.62 15.00
CA SER A 341 11.27 -4.88 15.26
C SER A 341 11.17 -5.78 14.02
N ALA A 342 11.71 -6.99 14.14
CA ALA A 342 11.61 -7.95 13.05
C ALA A 342 10.16 -8.30 12.73
N ASN A 343 9.26 -8.13 13.69
CA ASN A 343 7.85 -8.46 13.50
C ASN A 343 6.93 -7.23 13.55
N SER A 344 7.49 -6.03 13.41
CA SER A 344 6.70 -4.80 13.35
C SER A 344 5.83 -4.61 14.58
N SER A 345 6.35 -5.01 15.75
CA SER A 345 5.56 -4.96 16.97
C SER A 345 5.24 -3.53 17.40
N ASN A 346 6.10 -2.56 17.09
CA ASN A 346 5.92 -1.18 17.49
C ASN A 346 5.28 -0.32 16.39
N VAL A 347 4.51 -0.94 15.49
CA VAL A 347 3.97 -0.20 14.36
C VAL A 347 2.96 0.84 14.82
N ILE A 348 2.17 0.52 15.85
CA ILE A 348 1.15 1.47 16.31
C ILE A 348 1.80 2.67 17.00
N GLN A 349 2.81 2.41 17.84
CA GLN A 349 3.55 3.50 18.47
C GLN A 349 4.27 4.31 17.40
N LEU A 350 4.80 3.63 16.38
CA LEU A 350 5.42 4.32 15.26
C LEU A 350 4.44 5.27 14.59
N ILE A 351 3.21 4.79 14.33
CA ILE A 351 2.22 5.63 13.67
C ILE A 351 1.87 6.82 14.55
N ILE A 352 1.70 6.59 15.85
CA ILE A 352 1.29 7.66 16.75
C ILE A 352 2.38 8.73 16.83
N ASP A 353 3.63 8.31 17.01
CA ASP A 353 4.73 9.27 17.12
C ASP A 353 4.94 10.00 15.79
N ALA A 354 4.85 9.27 14.67
CA ALA A 354 5.02 9.90 13.37
C ALA A 354 3.91 10.92 13.11
N TYR A 355 2.67 10.61 13.49
CA TYR A 355 1.60 11.58 13.27
C TYR A 355 1.68 12.73 14.26
N ASN A 356 2.22 12.49 15.46
CA ASN A 356 2.49 13.60 16.36
C ASN A 356 3.51 14.56 15.74
N SER A 357 4.54 13.99 15.11
CA SER A 357 5.51 14.83 14.40
C SER A 357 4.85 15.54 13.22
N LEU A 358 3.96 14.85 12.51
CA LEU A 358 3.34 15.43 11.31
C LEU A 358 2.37 16.55 11.67
N SER A 359 1.49 16.32 12.66
CA SER A 359 0.53 17.33 13.07
C SER A 359 1.23 18.52 13.72
N SER A 360 2.22 18.28 14.57
CA SER A 360 3.02 19.37 15.11
C SER A 360 3.86 20.04 14.04
N GLU A 361 3.87 19.49 12.83
CA GLU A 361 4.47 20.11 11.66
C GLU A 361 3.38 20.71 10.79
N VAL A 362 3.77 21.69 9.98
CA VAL A 362 2.90 22.20 8.93
C VAL A 362 3.76 22.69 7.78
N ILE A 363 3.78 21.86 6.75
CA ILE A 363 4.53 22.28 5.55
C ILE A 363 3.45 22.93 4.71
N LEU A 364 3.37 24.24 4.76
CA LEU A 364 2.40 24.89 3.86
C LEU A 364 2.88 24.62 2.44
N GLU A 365 1.96 24.38 1.51
CA GLU A 365 2.42 24.21 0.12
C GLU A 365 2.09 25.46 -0.68
N ASN A 366 2.91 25.77 -1.67
CA ASN A 366 2.66 26.91 -2.58
C ASN A 366 1.65 26.37 -3.58
N GLY A 367 1.07 25.19 -3.28
CA GLY A 367 0.21 24.61 -4.31
C GLY A 367 1.08 24.58 -5.53
N LYS A 368 0.63 25.13 -6.65
CA LYS A 368 1.53 25.24 -7.82
C LYS A 368 1.36 26.62 -8.43
N LEU A 369 2.34 27.50 -8.24
CA LEU A 369 2.28 28.79 -8.96
C LEU A 369 3.71 29.25 -9.18
N SER A 370 3.98 29.82 -10.36
CA SER A 370 5.37 30.24 -10.69
C SER A 370 5.32 31.27 -11.83
N GLU A 371 6.49 31.67 -12.35
CA GLU A 371 6.55 32.63 -13.47
C GLU A 371 5.71 33.86 -13.07
N GLY A 372 6.12 34.54 -12.00
CA GLY A 372 5.33 35.68 -11.51
C GLY A 372 4.87 35.49 -10.09
N VAL A 373 5.38 34.47 -9.39
CA VAL A 373 5.05 34.32 -7.94
C VAL A 373 6.13 33.49 -7.23
N THR A 374 6.69 34.04 -6.16
CA THR A 374 7.67 33.29 -5.34
C THR A 374 7.24 33.48 -3.91
N ILE A 375 7.09 32.39 -3.16
CA ILE A 375 6.56 32.61 -1.78
C ILE A 375 7.69 32.36 -0.79
N SER A 376 8.01 33.38 0.01
CA SER A 376 9.03 33.18 1.08
C SER A 376 8.25 32.99 2.38
N TYR A 377 8.79 32.18 3.29
CA TYR A 377 7.99 31.92 4.48
C TYR A 377 8.81 32.23 5.72
N LYS A 378 8.13 32.73 6.75
CA LYS A 378 8.75 32.99 8.05
C LYS A 378 7.74 32.57 9.12
N SER A 379 7.90 31.36 9.63
CA SER A 379 7.02 30.86 10.68
C SER A 379 7.44 31.44 12.03
N TYR A 380 6.47 31.61 12.92
CA TYR A 380 6.70 32.02 14.30
C TYR A 380 5.92 31.06 15.19
N CYS A 381 6.54 29.93 15.51
CA CYS A 381 5.88 28.84 16.18
C CYS A 381 6.05 28.97 17.69
N LYS A 382 5.71 27.90 18.42
CA LYS A 382 5.78 27.91 19.88
C LYS A 382 7.24 28.03 20.34
N ASN A 383 7.40 28.54 21.56
CA ASN A 383 8.70 28.75 22.20
C ASN A 383 9.54 29.80 21.48
N GLY A 384 8.93 30.62 20.62
CA GLY A 384 9.62 31.74 20.01
C GLY A 384 10.58 31.39 18.90
N VAL A 385 10.59 30.16 18.41
CA VAL A 385 11.48 29.79 17.30
C VAL A 385 10.89 30.30 16.00
N ASN A 386 11.69 31.02 15.23
CA ASN A 386 11.27 31.58 13.95
C ASN A 386 12.18 31.05 12.86
N GLY A 387 11.57 30.48 11.81
CA GLY A 387 12.30 29.93 10.69
C GLY A 387 12.36 30.89 9.52
N THR A 388 13.28 30.59 8.59
CA THR A 388 13.43 31.35 7.36
C THR A 388 13.47 30.40 6.18
N GLY A 389 12.88 30.82 5.06
CA GLY A 389 12.92 30.02 3.84
C GLY A 389 12.22 28.69 4.03
N GLU A 390 12.95 27.62 3.74
CA GLU A 390 12.40 26.27 3.95
C GLU A 390 12.09 26.03 5.42
N ASN A 391 12.94 26.54 6.31
CA ASN A 391 12.64 26.48 7.74
C ASN A 391 11.40 27.30 8.07
N GLY A 392 11.25 28.47 7.45
CA GLY A 392 10.08 29.30 7.70
C GLY A 392 8.79 28.72 7.17
N ARG A 393 8.87 27.84 6.17
CA ARG A 393 7.69 27.12 5.70
C ARG A 393 7.25 26.05 6.70
N LYS A 394 8.10 25.70 7.66
CA LYS A 394 7.86 24.65 8.62
C LYS A 394 7.67 25.22 10.02
N CYS A 395 6.71 24.66 10.76
CA CYS A 395 6.59 24.89 12.19
C CYS A 395 6.78 23.59 12.95
N SER A 396 7.21 23.72 14.20
CA SER A 396 7.40 22.59 15.09
C SER A 396 6.83 22.94 16.45
N ASN A 397 6.59 21.89 17.25
CA ASN A 397 6.03 22.02 18.60
C ASN A 397 4.69 22.75 18.57
N ILE A 398 3.80 22.30 17.71
CA ILE A 398 2.44 22.82 17.63
C ILE A 398 1.57 21.92 18.49
N SER A 399 1.18 22.41 19.67
CA SER A 399 0.36 21.64 20.58
C SER A 399 -1.10 21.66 20.13
N ILE A 400 -1.96 21.01 20.91
CA ILE A 400 -3.38 20.97 20.59
C ILE A 400 -3.96 22.37 20.79
N GLY A 401 -4.48 22.94 19.71
CA GLY A 401 -5.02 24.28 19.75
C GLY A 401 -4.01 25.40 19.69
N ASP A 402 -2.73 25.08 19.52
CA ASP A 402 -1.70 26.10 19.48
C ASP A 402 -1.82 26.93 18.21
N GLU A 403 -1.69 28.25 18.35
CA GLU A 403 -1.76 29.17 17.22
C GLU A 403 -0.35 29.55 16.79
N VAL A 404 -0.05 29.33 15.52
CA VAL A 404 1.23 29.75 14.95
C VAL A 404 0.96 30.78 13.86
N GLN A 405 1.93 31.66 13.65
CA GLN A 405 1.80 32.76 12.71
C GLN A 405 2.79 32.55 11.57
N PHE A 406 2.28 32.54 10.34
CA PHE A 406 3.09 32.30 9.15
C PHE A 406 3.21 33.61 8.38
N GLU A 407 4.39 34.21 8.41
CA GLU A 407 4.66 35.41 7.63
C GLU A 407 4.91 35.00 6.18
N ILE A 408 3.82 34.67 5.51
CA ILE A 408 3.85 34.16 4.14
C ILE A 408 3.90 35.36 3.20
N SER A 409 5.04 35.51 2.52
CA SER A 409 5.30 36.69 1.69
C SER A 409 5.39 36.26 0.23
N ILE A 410 4.33 36.52 -0.52
CA ILE A 410 4.33 36.24 -1.96
C ILE A 410 5.05 37.39 -2.65
N THR A 411 6.22 37.10 -3.23
CA THR A 411 7.03 38.13 -3.84
C THR A 411 6.67 38.40 -5.30
N SER A 412 5.90 37.51 -5.92
CA SER A 412 5.44 37.64 -7.31
C SER A 412 6.68 37.75 -8.19
N ASN A 413 6.94 38.89 -8.84
CA ASN A 413 8.06 39.05 -9.77
C ASN A 413 8.04 38.01 -10.88
N SER A 420 -5.56 37.87 -11.29
CA SER A 420 -6.17 37.24 -12.46
C SER A 420 -6.19 35.74 -12.31
N ASP A 421 -5.47 35.24 -11.31
CA ASP A 421 -5.37 33.81 -11.06
C ASP A 421 -5.63 33.55 -9.57
N SER A 422 -6.28 32.43 -9.28
CA SER A 422 -6.58 32.03 -7.91
C SER A 422 -5.92 30.67 -7.66
N PHE A 423 -4.78 30.68 -7.01
CA PHE A 423 -4.07 29.44 -6.69
C PHE A 423 -4.31 29.04 -5.25
N LYS A 424 -3.95 27.80 -4.94
CA LYS A 424 -4.44 27.10 -3.76
C LYS A 424 -3.27 26.89 -2.80
N ILE A 425 -3.37 27.44 -1.60
CA ILE A 425 -2.37 27.21 -0.56
C ILE A 425 -2.91 26.16 0.39
N ARG A 426 -2.17 25.06 0.53
CA ARG A 426 -2.62 23.95 1.36
C ARG A 426 -1.52 23.57 2.34
N PRO A 427 -1.82 23.45 3.62
CA PRO A 427 -0.97 22.64 4.49
C PRO A 427 -1.05 21.19 4.06
N LEU A 428 0.10 20.62 3.71
CA LEU A 428 0.13 19.27 3.17
C LEU A 428 -0.48 18.28 4.16
N GLY A 429 -1.30 17.37 3.64
CA GLY A 429 -2.07 16.48 4.47
C GLY A 429 -3.38 17.05 4.97
N PHE A 430 -3.75 18.25 4.53
CA PHE A 430 -4.97 18.93 4.97
C PHE A 430 -5.77 19.32 3.74
N THR A 431 -7.01 18.84 3.66
CA THR A 431 -7.91 19.32 2.62
C THR A 431 -8.40 20.73 2.91
N GLU A 432 -8.44 21.12 4.18
CA GLU A 432 -8.77 22.49 4.54
C GLU A 432 -7.75 23.43 3.91
N GLU A 433 -8.25 24.47 3.26
CA GLU A 433 -7.45 25.27 2.34
C GLU A 433 -7.65 26.75 2.59
N VAL A 434 -6.66 27.53 2.20
CA VAL A 434 -6.78 28.98 2.10
C VAL A 434 -6.61 29.35 0.64
N GLU A 435 -7.37 30.33 0.19
CA GLU A 435 -7.40 30.73 -1.21
C GLU A 435 -6.66 32.05 -1.37
N VAL A 436 -5.68 32.09 -2.28
CA VAL A 436 -4.90 33.28 -2.53
C VAL A 436 -5.07 33.66 -3.99
N ILE A 437 -5.47 34.91 -4.22
CA ILE A 437 -5.64 35.46 -5.57
C ILE A 437 -4.62 36.57 -5.74
N LEU A 438 -3.69 36.40 -6.68
CA LEU A 438 -2.71 37.44 -6.98
C LEU A 438 -3.18 38.29 -8.16
N GLN A 439 -4.17 39.13 -7.87
CA GLN A 439 -4.68 40.04 -8.89
C GLN A 439 -3.70 41.18 -9.19
N TYR A 440 -2.66 41.32 -8.38
CA TYR A 440 -1.62 42.34 -8.56
C TYR A 440 -2.19 43.72 -8.81
N ALA B 7 19.62 18.42 -42.69
CA ALA B 7 18.80 17.36 -43.26
C ALA B 7 18.83 16.12 -42.38
N PRO B 8 17.86 16.02 -41.46
CA PRO B 8 17.82 14.85 -40.57
C PRO B 8 17.36 13.62 -41.32
N ALA B 9 18.09 12.52 -41.13
CA ALA B 9 17.75 11.24 -41.75
C ALA B 9 16.86 10.47 -40.79
N VAL B 10 15.56 10.49 -41.03
CA VAL B 10 14.58 9.83 -40.17
C VAL B 10 14.30 8.45 -40.78
N LEU B 11 14.62 7.40 -40.03
CA LEU B 11 14.39 6.03 -40.46
C LEU B 11 13.25 5.42 -39.65
N SER B 12 12.97 4.14 -39.96
CA SER B 12 11.89 3.42 -39.29
C SER B 12 12.25 1.95 -39.20
N GLY B 13 11.56 1.26 -38.30
CA GLY B 13 11.71 -0.17 -38.14
C GLY B 13 10.37 -0.88 -38.04
N PRO B 14 10.40 -2.20 -37.92
CA PRO B 14 9.15 -2.96 -37.83
C PRO B 14 8.39 -2.63 -36.57
N PRO B 15 7.18 -2.09 -36.70
CA PRO B 15 6.38 -1.76 -35.52
C PRO B 15 5.74 -2.99 -34.90
N GLY B 16 5.32 -2.84 -33.64
CA GLY B 16 4.61 -3.89 -32.94
C GLY B 16 5.41 -5.14 -32.69
N SER B 17 6.73 -5.02 -32.46
CA SER B 17 7.55 -6.18 -32.14
C SER B 17 8.60 -5.88 -31.08
N PHE B 18 8.50 -4.73 -30.40
CA PHE B 18 9.51 -4.25 -29.45
C PHE B 18 10.85 -3.98 -30.14
N PHE B 19 10.81 -3.67 -31.43
CA PHE B 19 11.99 -3.23 -32.14
C PHE B 19 12.46 -1.88 -31.60
N GLY B 20 13.76 -1.67 -31.60
CA GLY B 20 14.35 -0.44 -31.12
C GLY B 20 14.95 -0.49 -29.73
N PHE B 21 15.00 -1.67 -29.11
CA PHE B 21 15.48 -1.79 -27.74
C PHE B 21 16.97 -1.53 -27.60
N SER B 22 17.71 -1.45 -28.70
CA SER B 22 19.15 -1.16 -28.67
C SER B 22 19.60 -0.85 -30.09
N VAL B 23 20.83 -0.33 -30.19
CA VAL B 23 21.43 0.02 -31.47
C VAL B 23 22.92 -0.31 -31.42
N GLU B 24 23.62 -0.09 -32.54
CA GLU B 24 25.05 -0.36 -32.62
C GLU B 24 25.64 0.40 -33.81
N PHE B 25 26.91 0.11 -34.09
CA PHE B 25 27.67 0.62 -35.22
C PHE B 25 28.17 -0.56 -36.06
N TYR B 26 28.79 -0.23 -37.20
CA TYR B 26 29.49 -1.21 -38.02
C TYR B 26 30.31 -0.48 -39.07
N ARG B 27 31.54 -0.94 -39.26
CA ARG B 27 32.41 -0.39 -40.32
C ARG B 27 33.53 -1.37 -40.61
N PRO B 28 33.26 -2.42 -41.42
CA PRO B 28 34.26 -3.46 -41.73
C PRO B 28 35.36 -2.95 -42.66
N VAL B 33 27.27 0.44 -41.44
CA VAL B 33 27.04 -0.52 -42.52
C VAL B 33 26.07 -1.59 -42.06
N SER B 34 25.85 -1.67 -40.75
CA SER B 34 24.88 -2.61 -40.19
C SER B 34 24.52 -2.16 -38.79
N VAL B 35 23.22 -2.01 -38.54
CA VAL B 35 22.69 -1.64 -37.22
C VAL B 35 21.95 -2.85 -36.68
N LEU B 36 22.46 -3.40 -35.59
CA LEU B 36 21.87 -4.60 -34.97
C LEU B 36 20.88 -4.15 -33.91
N VAL B 37 19.61 -4.08 -34.26
CA VAL B 37 18.56 -3.61 -33.37
C VAL B 37 17.72 -4.82 -32.95
N GLY B 38 17.54 -4.99 -31.65
CA GLY B 38 16.86 -6.15 -31.10
C GLY B 38 15.40 -5.87 -30.82
N ALA B 39 14.57 -6.90 -31.03
CA ALA B 39 13.13 -6.85 -30.79
C ALA B 39 12.80 -8.00 -29.85
N PRO B 40 13.04 -7.82 -28.55
CA PRO B 40 13.07 -8.97 -27.63
C PRO B 40 11.72 -9.58 -27.32
N LYS B 41 10.62 -8.96 -27.75
CA LYS B 41 9.28 -9.52 -27.58
C LYS B 41 8.66 -9.81 -28.93
N ALA B 42 9.45 -10.38 -29.84
CA ALA B 42 9.00 -10.76 -31.16
C ALA B 42 8.87 -12.27 -31.24
N ASN B 43 7.74 -12.74 -31.78
CA ASN B 43 7.56 -14.16 -32.02
C ASN B 43 8.57 -14.63 -33.05
N THR B 44 9.25 -15.73 -32.75
CA THR B 44 10.31 -16.25 -33.60
C THR B 44 9.81 -17.42 -34.43
N SER B 45 10.60 -17.78 -35.44
CA SER B 45 10.33 -18.95 -36.27
C SER B 45 10.84 -20.24 -35.63
N GLN B 46 11.46 -20.15 -34.46
CA GLN B 46 11.93 -21.33 -33.76
C GLN B 46 10.74 -22.17 -33.29
N PRO B 47 10.72 -23.48 -33.55
CA PRO B 47 9.59 -24.29 -33.12
C PRO B 47 9.44 -24.29 -31.60
N GLY B 48 8.18 -24.22 -31.16
CA GLY B 48 7.89 -24.28 -29.74
C GLY B 48 8.41 -23.12 -28.92
N VAL B 49 8.64 -21.97 -29.55
CA VAL B 49 9.18 -20.79 -28.88
C VAL B 49 8.17 -19.66 -29.03
N LEU B 50 7.77 -19.07 -27.91
CA LEU B 50 6.75 -18.02 -27.88
C LEU B 50 7.44 -16.70 -27.52
N GLN B 51 7.53 -15.80 -28.50
CA GLN B 51 8.01 -14.43 -28.30
C GLN B 51 9.39 -14.41 -27.66
N GLY B 52 10.30 -15.22 -28.20
CA GLY B 52 11.65 -15.24 -27.68
C GLY B 52 12.40 -13.94 -27.92
N GLY B 53 12.30 -13.41 -29.13
CA GLY B 53 13.03 -12.21 -29.49
C GLY B 53 14.03 -12.48 -30.60
N ALA B 54 14.43 -11.40 -31.27
CA ALA B 54 15.32 -11.53 -32.41
C ALA B 54 16.11 -10.23 -32.59
N VAL B 55 17.18 -10.33 -33.37
CA VAL B 55 18.02 -9.20 -33.72
C VAL B 55 17.97 -9.01 -35.22
N TYR B 56 17.68 -7.79 -35.66
CA TYR B 56 17.23 -7.55 -37.03
C TYR B 56 18.30 -6.84 -37.84
N LEU B 57 18.52 -7.32 -39.06
CA LEU B 57 19.31 -6.64 -40.09
C LEU B 57 18.47 -6.63 -41.36
N CYS B 58 17.61 -5.62 -41.49
CA CYS B 58 16.69 -5.53 -42.62
C CYS B 58 16.61 -4.11 -43.16
N GLN B 66 9.73 -9.24 -48.90
CA GLN B 66 10.23 -10.38 -48.14
C GLN B 66 11.43 -9.97 -47.29
N CYS B 67 11.16 -9.48 -46.08
CA CYS B 67 12.19 -9.06 -45.14
C CYS B 67 12.23 -10.03 -43.96
N THR B 68 13.40 -10.60 -43.72
CA THR B 68 13.59 -11.56 -42.63
C THR B 68 14.84 -11.21 -41.84
N PRO B 69 14.79 -11.28 -40.52
CA PRO B 69 16.00 -11.10 -39.73
C PRO B 69 16.91 -12.30 -39.85
N ILE B 70 18.18 -12.09 -39.50
CA ILE B 70 19.16 -13.19 -39.54
C ILE B 70 18.96 -14.04 -38.29
N GLU B 71 18.61 -15.31 -38.50
CA GLU B 71 18.39 -16.25 -37.41
C GLU B 71 19.72 -16.53 -36.73
N PHE B 72 19.91 -15.98 -35.54
CA PHE B 72 21.16 -16.18 -34.82
C PHE B 72 21.37 -17.66 -34.51
N ASP B 73 20.32 -18.33 -34.05
CA ASP B 73 20.30 -19.79 -33.94
C ASP B 73 19.03 -20.27 -34.62
N SER B 74 19.17 -20.83 -35.83
CA SER B 74 18.01 -21.20 -36.63
C SER B 74 17.18 -22.27 -35.94
N LYS B 75 17.84 -23.25 -35.31
CA LYS B 75 17.12 -24.32 -34.64
C LYS B 75 16.40 -23.77 -33.42
N GLY B 76 15.31 -24.44 -33.05
CA GLY B 76 14.48 -24.00 -31.96
C GLY B 76 15.08 -24.20 -30.59
N SER B 77 14.22 -24.24 -29.57
CA SER B 77 14.69 -24.46 -28.21
C SER B 77 15.31 -25.85 -28.10
N ARG B 78 16.49 -25.91 -27.48
CA ARG B 78 17.14 -27.19 -27.25
C ARG B 78 16.33 -28.01 -26.26
N LEU B 79 16.45 -29.33 -26.38
CA LEU B 79 15.71 -30.27 -25.54
C LEU B 79 16.67 -30.98 -24.58
N LEU B 80 16.14 -31.32 -23.41
CA LEU B 80 16.92 -32.02 -22.40
C LEU B 80 17.16 -33.46 -22.82
N GLU B 81 18.40 -33.92 -22.68
CA GLU B 81 18.74 -35.30 -23.01
C GLU B 81 18.29 -36.25 -21.92
N GLU B 90 10.38 -34.26 -25.33
CA GLU B 90 9.74 -33.92 -24.06
C GLU B 90 10.07 -32.48 -23.64
N GLU B 91 10.49 -32.33 -22.39
CA GLU B 91 10.75 -30.99 -21.85
C GLU B 91 11.99 -30.39 -22.51
N PRO B 92 11.93 -29.14 -22.96
CA PRO B 92 13.15 -28.48 -23.46
C PRO B 92 14.12 -28.20 -22.35
N VAL B 93 15.41 -28.11 -22.72
CA VAL B 93 16.47 -27.86 -21.76
C VAL B 93 16.74 -26.37 -21.56
N GLU B 94 16.02 -25.50 -22.25
CA GLU B 94 16.21 -24.07 -22.08
C GLU B 94 15.01 -23.33 -22.65
N TYR B 95 14.39 -22.49 -21.82
CA TYR B 95 13.15 -21.81 -22.18
C TYR B 95 13.46 -20.60 -23.05
N LYS B 96 13.38 -20.78 -24.37
CA LYS B 96 13.45 -19.64 -25.27
C LYS B 96 12.18 -18.81 -25.27
N SER B 97 11.12 -19.28 -24.63
CA SER B 97 9.87 -18.54 -24.58
C SER B 97 10.04 -17.31 -23.68
N LEU B 98 9.81 -16.13 -24.26
CA LEU B 98 9.95 -14.86 -23.54
C LEU B 98 11.35 -14.70 -22.98
N GLN B 99 12.36 -15.11 -23.75
CA GLN B 99 13.75 -14.98 -23.35
C GLN B 99 14.27 -13.57 -23.51
N TRP B 100 13.50 -12.68 -24.14
CA TRP B 100 13.90 -11.29 -24.37
C TRP B 100 15.22 -11.20 -25.12
N PHE B 101 15.39 -12.09 -26.10
CA PHE B 101 16.61 -12.12 -26.89
C PHE B 101 16.72 -10.87 -27.75
N GLY B 102 17.87 -10.21 -27.69
CA GLY B 102 18.11 -9.02 -28.47
C GLY B 102 17.93 -7.72 -27.73
N ALA B 103 17.69 -7.75 -26.42
CA ALA B 103 17.51 -6.51 -25.67
C ALA B 103 18.77 -5.65 -25.73
N THR B 104 19.94 -6.26 -25.61
CA THR B 104 21.21 -5.56 -25.72
C THR B 104 22.05 -6.25 -26.77
N VAL B 105 22.37 -5.54 -27.85
CA VAL B 105 23.19 -6.05 -28.93
C VAL B 105 24.40 -5.15 -29.07
N ARG B 106 25.58 -5.76 -29.08
CA ARG B 106 26.84 -5.03 -29.23
C ARG B 106 27.65 -5.67 -30.36
N ALA B 107 28.50 -4.86 -30.98
CA ALA B 107 29.27 -5.34 -32.12
C ALA B 107 30.64 -4.68 -32.16
N HIS B 108 31.64 -5.45 -32.57
CA HIS B 108 32.98 -4.94 -32.81
C HIS B 108 33.55 -5.69 -34.01
N GLY B 109 33.78 -4.97 -35.10
CA GLY B 109 34.30 -5.62 -36.30
C GLY B 109 33.33 -6.67 -36.81
N SER B 110 33.86 -7.87 -37.07
CA SER B 110 33.07 -8.98 -37.56
C SER B 110 32.46 -9.80 -36.43
N SER B 111 32.23 -9.19 -35.28
CA SER B 111 31.71 -9.90 -34.11
C SER B 111 30.42 -9.24 -33.64
N ILE B 112 29.47 -10.07 -33.21
CA ILE B 112 28.18 -9.61 -32.71
C ILE B 112 27.90 -10.31 -31.39
N LEU B 113 27.45 -9.55 -30.40
CA LEU B 113 27.19 -10.07 -29.06
C LEU B 113 25.73 -9.88 -28.69
N ALA B 114 24.82 -10.27 -29.57
CA ALA B 114 23.41 -10.25 -29.25
C ALA B 114 23.13 -11.17 -28.06
N CYS B 115 22.73 -10.58 -26.94
CA CYS B 115 22.48 -11.34 -25.72
C CYS B 115 21.00 -11.32 -25.37
N ALA B 116 20.59 -12.32 -24.59
CA ALA B 116 19.21 -12.47 -24.15
C ALA B 116 19.15 -12.35 -22.65
N PRO B 117 18.89 -11.15 -22.10
CA PRO B 117 18.93 -11.01 -20.64
C PRO B 117 17.95 -11.91 -19.90
N LEU B 118 16.79 -12.19 -20.49
CA LEU B 118 15.81 -13.05 -19.85
C LEU B 118 15.83 -14.47 -20.40
N TYR B 119 16.97 -14.90 -20.94
CA TYR B 119 17.13 -16.26 -21.46
C TYR B 119 17.17 -17.20 -20.28
N SER B 120 16.03 -17.75 -19.91
CA SER B 120 15.92 -18.65 -18.78
C SER B 120 16.20 -20.06 -19.27
N TRP B 121 17.46 -20.48 -19.20
CA TRP B 121 17.81 -21.84 -19.57
C TRP B 121 17.47 -22.79 -18.44
N ARG B 122 16.96 -23.96 -18.80
CA ARG B 122 16.66 -24.99 -17.81
C ARG B 122 17.96 -25.70 -17.46
N THR B 123 18.44 -25.46 -16.23
CA THR B 123 19.69 -26.07 -15.79
C THR B 123 19.60 -27.59 -15.91
N GLU B 124 20.61 -28.19 -16.55
CA GLU B 124 20.57 -29.62 -16.80
C GLU B 124 20.53 -30.41 -15.50
N LYS B 125 20.98 -29.81 -14.40
CA LYS B 125 20.92 -30.49 -13.11
C LYS B 125 19.51 -30.48 -12.54
N GLU B 126 18.90 -29.30 -12.46
CA GLU B 126 17.55 -29.17 -11.92
C GLU B 126 16.77 -28.17 -12.76
N PRO B 127 15.46 -28.36 -12.91
CA PRO B 127 14.67 -27.42 -13.73
C PRO B 127 14.62 -26.05 -13.09
N LEU B 128 15.22 -25.08 -13.77
CA LEU B 128 15.29 -23.72 -13.26
C LEU B 128 15.07 -22.75 -14.41
N SER B 129 14.23 -21.74 -14.16
CA SER B 129 14.02 -20.66 -15.12
C SER B 129 14.91 -19.47 -14.81
N ASP B 130 16.23 -19.73 -14.73
CA ASP B 130 17.19 -18.66 -14.43
C ASP B 130 17.59 -17.96 -15.72
N PRO B 131 17.29 -16.68 -15.86
CA PRO B 131 17.80 -15.92 -17.01
C PRO B 131 19.29 -15.68 -16.91
N VAL B 132 20.09 -16.70 -17.20
CA VAL B 132 21.53 -16.56 -17.15
C VAL B 132 22.01 -15.55 -18.17
N GLY B 133 21.23 -15.33 -19.22
CA GLY B 133 21.68 -14.48 -20.30
C GLY B 133 22.57 -15.27 -21.23
N THR B 134 22.29 -15.19 -22.53
CA THR B 134 23.05 -15.96 -23.50
C THR B 134 23.36 -15.05 -24.69
N CYS B 135 24.65 -14.85 -24.94
CA CYS B 135 25.10 -14.08 -26.08
C CYS B 135 25.55 -15.04 -27.18
N TYR B 136 25.09 -14.79 -28.40
CA TYR B 136 25.47 -15.61 -29.54
C TYR B 136 26.58 -14.87 -30.27
N LEU B 137 27.82 -15.19 -29.89
CA LEU B 137 29.00 -14.49 -30.35
C LEU B 137 29.33 -14.85 -31.80
N SER B 138 28.76 -14.11 -32.74
CA SER B 138 29.08 -14.32 -34.14
C SER B 138 30.52 -13.94 -34.44
N THR B 139 31.14 -14.66 -35.36
CA THR B 139 32.49 -14.36 -35.82
C THR B 139 32.53 -14.45 -37.34
N ASP B 140 33.30 -13.54 -37.95
CA ASP B 140 33.52 -13.52 -39.39
C ASP B 140 32.20 -13.51 -40.16
N ASN B 141 31.29 -12.64 -39.73
CA ASN B 141 29.98 -12.47 -40.35
C ASN B 141 29.17 -13.76 -40.32
N PHE B 142 28.91 -14.24 -39.10
CA PHE B 142 28.00 -15.35 -38.83
C PHE B 142 28.46 -16.67 -39.44
N THR B 143 29.75 -16.79 -39.78
CA THR B 143 30.24 -18.09 -40.25
C THR B 143 30.26 -19.11 -39.13
N ARG B 144 30.42 -18.66 -37.88
CA ARG B 144 30.33 -19.54 -36.73
C ARG B 144 29.68 -18.78 -35.58
N ILE B 145 28.65 -19.37 -34.99
CA ILE B 145 27.92 -18.75 -33.89
C ILE B 145 28.30 -19.48 -32.61
N LEU B 146 28.97 -18.77 -31.71
CA LEU B 146 29.42 -19.35 -30.44
C LEU B 146 28.40 -19.03 -29.37
N GLU B 147 27.86 -20.06 -28.74
CA GLU B 147 26.95 -19.84 -27.62
C GLU B 147 27.78 -19.44 -26.40
N TYR B 148 28.02 -18.14 -26.26
CA TYR B 148 28.84 -17.60 -25.18
C TYR B 148 27.91 -17.09 -24.08
N ALA B 149 27.77 -17.89 -23.03
CA ALA B 149 26.95 -17.53 -21.87
C ALA B 149 27.80 -17.72 -20.63
N PRO B 150 28.67 -16.76 -20.31
CA PRO B 150 29.56 -16.93 -19.14
C PRO B 150 28.80 -17.10 -17.84
N CYS B 151 27.66 -16.41 -17.71
CA CYS B 151 26.83 -16.60 -16.52
C CYS B 151 26.14 -17.95 -16.49
N ARG B 152 26.10 -18.66 -17.61
CA ARG B 152 25.62 -20.05 -17.63
C ARG B 152 26.79 -20.94 -17.25
N SER B 153 26.89 -21.23 -15.96
CA SER B 153 27.98 -22.03 -15.43
C SER B 153 27.45 -22.83 -14.25
N ASP B 154 28.37 -23.36 -13.44
CA ASP B 154 27.96 -24.16 -12.28
C ASP B 154 27.23 -23.29 -11.25
N PHE B 155 27.46 -21.98 -11.28
CA PHE B 155 26.78 -21.07 -10.37
C PHE B 155 25.43 -20.68 -10.93
N SER B 156 24.38 -20.88 -10.14
CA SER B 156 23.02 -20.63 -10.59
C SER B 156 22.20 -20.01 -9.46
N TRP B 157 20.91 -19.80 -9.74
CA TRP B 157 19.92 -19.41 -8.74
C TRP B 157 20.09 -17.95 -8.32
N ALA B 158 21.08 -17.27 -8.93
CA ALA B 158 21.52 -15.91 -8.59
C ALA B 158 22.35 -15.92 -7.31
N ALA B 159 22.45 -17.06 -6.64
CA ALA B 159 23.48 -17.22 -5.63
C ALA B 159 24.85 -17.07 -6.26
N GLY B 160 24.99 -17.56 -7.49
CA GLY B 160 26.12 -17.24 -8.33
C GLY B 160 25.67 -16.38 -9.49
N GLN B 161 25.77 -16.91 -10.71
CA GLN B 161 25.37 -16.18 -11.91
C GLN B 161 24.07 -16.71 -12.52
N GLY B 162 23.15 -17.21 -11.70
CA GLY B 162 21.92 -17.76 -12.23
C GLY B 162 21.03 -16.71 -12.87
N TYR B 163 20.51 -15.79 -12.06
CA TYR B 163 19.69 -14.69 -12.54
C TYR B 163 20.55 -13.50 -12.98
N CYS B 164 21.79 -13.76 -13.33
CA CYS B 164 22.74 -12.69 -13.64
C CYS B 164 22.27 -11.85 -14.82
N GLN B 165 21.56 -12.48 -15.77
CA GLN B 165 21.13 -11.81 -17.00
C GLN B 165 22.32 -11.26 -17.77
N GLY B 166 23.29 -12.12 -18.07
CA GLY B 166 24.45 -11.73 -18.80
C GLY B 166 24.09 -11.17 -20.15
N GLY B 167 24.52 -9.93 -20.41
CA GLY B 167 24.08 -9.23 -21.59
C GLY B 167 22.93 -8.28 -21.38
N PHE B 168 22.56 -7.99 -20.13
CA PHE B 168 21.67 -6.87 -19.87
C PHE B 168 22.35 -5.57 -20.29
N SER B 169 23.66 -5.48 -20.09
CA SER B 169 24.48 -4.46 -20.70
C SER B 169 25.82 -5.09 -21.06
N ALA B 170 26.50 -4.50 -22.03
CA ALA B 170 27.78 -5.03 -22.49
C ALA B 170 28.50 -3.94 -23.26
N GLU B 171 29.71 -4.25 -23.69
CA GLU B 171 30.53 -3.30 -24.44
C GLU B 171 31.72 -4.07 -25.03
N PHE B 172 32.41 -3.41 -25.96
CA PHE B 172 33.59 -3.95 -26.62
C PHE B 172 34.76 -3.01 -26.42
N THR B 173 35.93 -3.58 -26.12
CA THR B 173 37.15 -2.80 -26.02
C THR B 173 37.71 -2.57 -27.42
N LYS B 174 38.91 -2.00 -27.51
CA LYS B 174 39.56 -1.79 -28.79
C LYS B 174 40.30 -3.02 -29.29
N THR B 175 40.49 -4.03 -28.43
CA THR B 175 41.17 -5.26 -28.81
C THR B 175 40.20 -6.38 -29.17
N GLY B 176 38.90 -6.07 -29.24
CA GLY B 176 37.89 -7.08 -29.48
C GLY B 176 37.45 -7.83 -28.24
N ARG B 177 37.98 -7.47 -27.07
CA ARG B 177 37.64 -8.19 -25.85
C ARG B 177 36.18 -7.99 -25.52
N VAL B 178 35.49 -9.09 -25.22
CA VAL B 178 34.07 -9.03 -24.87
C VAL B 178 33.93 -8.67 -23.41
N VAL B 179 33.18 -7.61 -23.14
CA VAL B 179 32.87 -7.19 -21.77
C VAL B 179 31.37 -7.30 -21.59
N LEU B 180 30.96 -8.03 -20.56
CA LEU B 180 29.55 -8.23 -20.26
C LEU B 180 29.24 -7.72 -18.87
N GLY B 181 28.03 -7.22 -18.68
CA GLY B 181 27.60 -6.81 -17.36
C GLY B 181 26.28 -7.46 -16.98
N GLY B 182 26.31 -8.32 -15.97
CA GLY B 182 25.11 -8.96 -15.50
C GLY B 182 24.68 -8.39 -14.16
N PRO B 183 23.66 -7.53 -14.18
CA PRO B 183 23.23 -6.87 -12.93
C PRO B 183 22.50 -7.79 -11.96
N GLY B 184 22.41 -9.08 -12.24
CA GLY B 184 21.74 -9.99 -11.33
C GLY B 184 22.67 -10.95 -10.64
N SER B 185 23.95 -10.93 -11.01
CA SER B 185 24.90 -11.87 -10.45
C SER B 185 25.12 -11.60 -8.97
N TYR B 186 25.19 -12.67 -8.18
CA TYR B 186 25.40 -12.59 -6.74
C TYR B 186 24.31 -11.76 -6.08
N PHE B 187 23.07 -12.24 -6.22
CA PHE B 187 21.88 -11.61 -5.64
C PHE B 187 21.79 -10.14 -6.07
N TRP B 188 21.94 -9.92 -7.37
CA TRP B 188 21.83 -8.60 -7.99
C TRP B 188 22.88 -7.63 -7.47
N GLN B 189 23.97 -8.14 -6.90
CA GLN B 189 25.13 -7.28 -6.65
C GLN B 189 25.69 -6.76 -7.96
N GLY B 190 25.74 -7.62 -8.98
CA GLY B 190 26.27 -7.26 -10.27
C GLY B 190 27.72 -7.66 -10.42
N GLN B 191 28.15 -7.80 -11.68
CA GLN B 191 29.52 -8.18 -11.97
C GLN B 191 29.84 -7.81 -13.41
N ILE B 192 31.13 -7.77 -13.72
CA ILE B 192 31.61 -7.49 -15.06
C ILE B 192 32.38 -8.71 -15.54
N LEU B 193 31.92 -9.30 -16.64
CA LEU B 193 32.61 -10.40 -17.30
C LEU B 193 33.54 -9.84 -18.37
N SER B 194 34.60 -10.57 -18.67
CA SER B 194 35.53 -10.12 -19.70
C SER B 194 36.34 -11.30 -20.20
N ALA B 195 36.18 -11.63 -21.49
CA ALA B 195 37.01 -12.61 -22.16
C ALA B 195 37.11 -12.23 -23.63
N THR B 196 38.24 -12.53 -24.24
CA THR B 196 38.44 -12.18 -25.64
C THR B 196 37.82 -13.23 -26.56
N GLN B 197 37.81 -12.92 -27.85
CA GLN B 197 37.31 -13.87 -28.84
C GLN B 197 38.13 -15.14 -28.85
N GLU B 198 39.44 -15.01 -28.66
CA GLU B 198 40.33 -16.16 -28.77
C GLU B 198 40.04 -17.19 -27.69
N GLN B 199 39.88 -16.74 -26.44
CA GLN B 199 39.59 -17.69 -25.37
C GLN B 199 38.22 -18.32 -25.54
N ILE B 200 37.25 -17.55 -26.04
CA ILE B 200 35.92 -18.08 -26.29
C ILE B 200 35.99 -19.18 -27.34
N ALA B 201 36.74 -18.95 -28.42
CA ALA B 201 36.88 -19.97 -29.46
C ALA B 201 37.60 -21.20 -28.94
N GLU B 202 38.67 -21.02 -28.17
CA GLU B 202 39.42 -22.16 -27.66
C GLU B 202 38.59 -22.99 -26.70
N SER B 203 37.79 -22.35 -25.86
CA SER B 203 36.93 -23.06 -24.91
C SER B 203 35.56 -23.37 -25.50
N TYR B 204 35.36 -23.13 -26.80
CA TYR B 204 34.06 -23.32 -27.44
C TYR B 204 33.79 -24.81 -27.67
N TYR B 205 32.70 -25.31 -27.09
CA TYR B 205 32.25 -26.67 -27.34
C TYR B 205 30.76 -26.73 -27.06
N PRO B 206 29.93 -26.49 -28.09
CA PRO B 206 28.48 -26.39 -27.87
C PRO B 206 27.84 -27.68 -27.40
N GLU B 207 28.51 -28.83 -27.56
CA GLU B 207 27.94 -30.09 -27.09
C GLU B 207 27.69 -30.05 -25.58
N TYR B 208 28.44 -29.24 -24.84
CA TYR B 208 28.16 -28.96 -23.44
C TYR B 208 27.63 -27.54 -23.32
N LEU B 209 26.55 -27.38 -22.56
CA LEU B 209 25.96 -26.06 -22.37
C LEU B 209 26.72 -25.22 -21.34
N ILE B 210 27.63 -25.81 -20.59
CA ILE B 210 28.47 -25.09 -19.63
C ILE B 210 29.89 -25.15 -20.15
N ASN B 211 30.39 -24.01 -20.65
CA ASN B 211 31.75 -23.89 -21.16
C ASN B 211 32.55 -23.00 -20.21
N LEU B 212 33.36 -23.61 -19.36
CA LEU B 212 34.24 -22.87 -18.47
C LEU B 212 35.35 -22.25 -19.29
N VAL B 213 35.22 -20.96 -19.59
CA VAL B 213 36.21 -20.26 -20.39
C VAL B 213 37.38 -19.89 -19.48
N GLN B 214 38.58 -20.29 -19.87
CA GLN B 214 39.76 -20.02 -19.06
C GLN B 214 40.26 -18.60 -19.28
N GLY B 215 40.89 -18.06 -18.25
CA GLY B 215 41.47 -16.73 -18.36
C GLY B 215 40.48 -15.60 -18.44
N GLN B 216 39.24 -15.80 -17.99
CA GLN B 216 38.19 -14.80 -18.09
C GLN B 216 38.25 -13.90 -16.87
N LEU B 217 38.57 -12.62 -17.09
CA LEU B 217 38.64 -11.65 -16.01
C LEU B 217 37.22 -11.24 -15.61
N GLN B 218 36.83 -11.60 -14.39
CA GLN B 218 35.53 -11.24 -13.85
C GLN B 218 35.70 -10.66 -12.45
N THR B 219 34.81 -9.74 -12.09
CA THR B 219 34.84 -9.19 -10.75
C THR B 219 34.55 -10.29 -9.72
N ARG B 220 35.34 -10.30 -8.66
CA ARG B 220 35.14 -11.30 -7.62
C ARG B 220 33.86 -11.01 -6.84
N GLN B 221 33.27 -12.07 -6.30
CA GLN B 221 32.06 -11.91 -5.50
C GLN B 221 32.38 -11.14 -4.22
N ALA B 222 31.66 -10.04 -4.00
CA ALA B 222 31.89 -9.18 -2.85
C ALA B 222 31.02 -9.65 -1.68
N SER B 223 30.98 -8.83 -0.62
CA SER B 223 30.21 -9.18 0.56
C SER B 223 28.71 -8.98 0.32
N SER B 224 27.91 -9.61 1.17
CA SER B 224 26.46 -9.51 1.03
C SER B 224 25.94 -8.09 1.25
N ILE B 225 26.75 -7.23 1.89
CA ILE B 225 26.36 -5.83 2.05
C ILE B 225 26.37 -5.08 0.73
N TYR B 226 26.93 -5.67 -0.32
CA TYR B 226 26.89 -5.11 -1.67
C TYR B 226 25.80 -5.73 -2.52
N ASP B 227 24.89 -6.49 -1.92
CA ASP B 227 23.80 -7.10 -2.66
C ASP B 227 22.83 -6.04 -3.16
N ASP B 228 22.10 -6.40 -4.22
CA ASP B 228 21.10 -5.52 -4.84
C ASP B 228 21.71 -4.19 -5.23
N SER B 229 22.94 -4.23 -5.74
CA SER B 229 23.64 -3.03 -6.18
C SER B 229 23.54 -2.80 -7.68
N TYR B 230 23.18 -3.83 -8.46
CA TYR B 230 23.00 -3.71 -9.91
C TYR B 230 24.28 -3.26 -10.60
N LEU B 231 25.42 -3.76 -10.14
CA LEU B 231 26.66 -3.50 -10.84
C LEU B 231 26.59 -4.07 -12.25
N GLY B 232 27.10 -3.32 -13.22
CA GLY B 232 26.94 -3.72 -14.60
C GLY B 232 25.58 -3.46 -15.19
N TYR B 233 24.69 -2.76 -14.46
CA TYR B 233 23.44 -2.32 -15.06
C TYR B 233 23.71 -1.52 -16.32
N SER B 234 24.77 -0.73 -16.33
CA SER B 234 25.31 -0.12 -17.53
C SER B 234 26.80 -0.45 -17.59
N VAL B 235 27.35 -0.46 -18.80
CA VAL B 235 28.74 -0.85 -19.02
C VAL B 235 29.39 0.15 -19.96
N ALA B 236 30.56 0.64 -19.59
CA ALA B 236 31.37 1.52 -20.42
C ALA B 236 32.82 1.11 -20.32
N VAL B 237 33.65 1.66 -21.20
CA VAL B 237 35.06 1.30 -21.27
C VAL B 237 35.89 2.54 -21.54
N GLY B 238 37.07 2.60 -20.93
CA GLY B 238 37.96 3.73 -21.16
C GLY B 238 39.19 3.58 -20.29
N GLU B 239 40.26 4.27 -20.70
CA GLU B 239 41.53 4.20 -20.00
C GLU B 239 41.51 5.12 -18.79
N PHE B 240 41.85 4.58 -17.62
CA PHE B 240 41.79 5.34 -16.38
C PHE B 240 43.00 5.15 -15.46
N SER B 241 43.99 4.34 -15.86
CA SER B 241 45.18 4.14 -15.03
C SER B 241 46.48 4.21 -15.82
N GLY B 242 46.44 4.48 -17.11
CA GLY B 242 47.65 4.53 -17.90
C GLY B 242 48.32 3.19 -18.12
N ASP B 243 47.56 2.10 -18.03
CA ASP B 243 48.09 0.75 -18.20
C ASP B 243 47.99 0.27 -19.65
N ASP B 244 47.66 1.15 -20.58
CA ASP B 244 47.57 0.88 -22.02
C ASP B 244 46.46 -0.08 -22.38
N THR B 245 45.66 -0.52 -21.41
CA THR B 245 44.52 -1.39 -21.65
C THR B 245 43.24 -0.67 -21.21
N GLU B 246 42.13 -1.00 -21.88
CA GLU B 246 40.87 -0.34 -21.59
C GLU B 246 40.34 -0.79 -20.25
N ASP B 247 39.99 0.18 -19.40
CA ASP B 247 39.58 -0.07 -18.02
C ASP B 247 38.06 0.02 -17.92
N PHE B 248 37.46 -0.97 -17.26
CA PHE B 248 36.01 -1.12 -17.27
C PHE B 248 35.35 -0.10 -16.36
N VAL B 249 34.28 0.52 -16.85
CA VAL B 249 33.38 1.34 -16.04
C VAL B 249 32.05 0.63 -15.99
N ALA B 250 31.50 0.48 -14.79
CA ALA B 250 30.25 -0.26 -14.62
C ALA B 250 29.38 0.45 -13.60
N GLY B 251 28.21 0.92 -14.05
CA GLY B 251 27.30 1.59 -13.14
C GLY B 251 26.80 0.65 -12.07
N VAL B 252 26.62 1.18 -10.87
CA VAL B 252 26.13 0.43 -9.72
C VAL B 252 24.97 1.24 -9.13
N PRO B 253 23.84 1.36 -9.85
CA PRO B 253 22.85 2.37 -9.47
C PRO B 253 22.18 2.15 -8.13
N LYS B 254 22.24 0.94 -7.56
CA LYS B 254 21.58 0.67 -6.29
C LYS B 254 22.55 0.32 -5.17
N GLY B 255 23.85 0.55 -5.37
CA GLY B 255 24.82 0.35 -4.32
C GLY B 255 24.91 1.54 -3.39
N ASN B 256 25.69 1.36 -2.33
CA ASN B 256 25.91 2.42 -1.33
C ASN B 256 24.58 2.92 -0.76
N LEU B 257 23.83 1.99 -0.16
CA LEU B 257 22.52 2.27 0.43
C LEU B 257 21.64 3.07 -0.54
N THR B 258 21.41 2.46 -1.70
CA THR B 258 20.56 2.94 -2.80
C THR B 258 20.93 4.34 -3.28
N TYR B 259 22.10 4.86 -2.90
CA TYR B 259 22.57 6.11 -3.49
C TYR B 259 23.15 5.89 -4.88
N GLY B 260 23.74 4.72 -5.11
CA GLY B 260 24.35 4.40 -6.38
C GLY B 260 25.75 4.93 -6.51
N TYR B 261 26.68 4.08 -6.93
CA TYR B 261 28.04 4.50 -7.24
C TYR B 261 28.43 3.93 -8.60
N VAL B 262 29.64 4.26 -9.05
CA VAL B 262 30.16 3.77 -10.33
C VAL B 262 31.62 3.42 -10.12
N THR B 263 31.93 2.13 -10.07
CA THR B 263 33.30 1.67 -9.87
C THR B 263 34.03 1.61 -11.19
N ILE B 264 35.36 1.71 -11.12
CA ILE B 264 36.23 1.58 -12.29
C ILE B 264 37.21 0.45 -12.00
N LEU B 265 37.45 -0.40 -13.00
CA LEU B 265 38.26 -1.59 -12.83
C LEU B 265 39.40 -1.60 -13.84
N ASN B 266 40.53 -2.16 -13.42
CA ASN B 266 41.71 -2.21 -14.28
C ASN B 266 41.53 -3.23 -15.39
N GLY B 267 42.03 -2.91 -16.58
CA GLY B 267 41.81 -3.77 -17.73
C GLY B 267 42.58 -5.08 -17.67
N SER B 268 43.87 -5.03 -17.30
CA SER B 268 44.68 -6.24 -17.29
C SER B 268 44.14 -7.25 -16.28
N ASP B 269 43.76 -6.80 -15.10
CA ASP B 269 43.00 -7.58 -14.15
C ASP B 269 42.00 -6.65 -13.47
N ILE B 270 40.77 -7.13 -13.28
CA ILE B 270 39.66 -6.24 -12.95
C ILE B 270 39.95 -5.49 -11.65
N ARG B 271 40.31 -6.21 -10.59
CA ARG B 271 40.66 -5.61 -9.31
C ARG B 271 39.59 -4.61 -8.85
N SER B 272 40.04 -3.50 -8.25
CA SER B 272 39.15 -2.41 -7.85
C SER B 272 39.90 -1.09 -7.83
N LEU B 273 39.73 -0.27 -8.87
CA LEU B 273 40.51 0.96 -8.97
C LEU B 273 39.88 2.09 -8.15
N TYR B 274 38.61 2.39 -8.41
CA TYR B 274 37.97 3.52 -7.74
C TYR B 274 36.52 3.20 -7.46
N ASN B 275 35.92 4.04 -6.62
CA ASN B 275 34.47 4.08 -6.42
C ASN B 275 34.05 5.55 -6.37
N PHE B 276 32.79 5.81 -6.70
CA PHE B 276 32.30 7.18 -6.79
C PHE B 276 30.84 7.20 -6.34
N SER B 277 30.62 7.54 -5.07
CA SER B 277 29.28 7.53 -4.51
C SER B 277 28.41 8.62 -5.14
N GLY B 278 27.09 8.40 -5.10
CA GLY B 278 26.14 9.34 -5.63
C GLY B 278 25.68 10.36 -4.60
N GLU B 279 25.08 11.45 -5.11
CA GLU B 279 24.70 12.58 -4.27
C GLU B 279 23.19 12.71 -4.09
N GLN B 280 22.45 11.62 -4.24
CA GLN B 280 21.05 11.60 -3.83
C GLN B 280 20.58 10.16 -3.79
N MET B 281 19.52 9.94 -3.02
CA MET B 281 18.93 8.62 -2.85
C MET B 281 18.05 8.23 -4.03
N ALA B 282 18.14 6.96 -4.43
CA ALA B 282 17.22 6.35 -5.39
C ALA B 282 17.18 7.11 -6.71
N SER B 283 18.25 7.82 -7.03
CA SER B 283 18.34 8.54 -8.30
C SER B 283 18.76 7.63 -9.44
N TYR B 284 19.10 6.37 -9.15
CA TYR B 284 19.68 5.45 -10.13
C TYR B 284 20.99 6.02 -10.68
N PHE B 285 21.95 6.17 -9.76
CA PHE B 285 23.32 6.60 -10.09
C PHE B 285 24.04 5.41 -10.73
N GLY B 286 23.82 5.24 -12.03
CA GLY B 286 24.35 4.09 -12.73
C GLY B 286 23.36 3.42 -13.65
N TYR B 287 22.22 4.08 -13.89
CA TYR B 287 21.32 3.63 -14.94
C TYR B 287 22.04 3.59 -16.27
N ALA B 288 22.79 4.64 -16.58
CA ALA B 288 23.65 4.69 -17.75
C ALA B 288 24.98 5.30 -17.35
N VAL B 289 26.06 4.80 -17.95
CA VAL B 289 27.40 5.30 -17.71
C VAL B 289 28.09 5.53 -19.05
N ALA B 290 29.22 6.21 -19.00
CA ALA B 290 30.03 6.48 -20.18
C ALA B 290 31.47 6.66 -19.76
N ALA B 291 32.36 6.74 -20.74
CA ALA B 291 33.77 6.95 -20.47
C ALA B 291 34.41 7.53 -21.73
N THR B 292 34.82 8.79 -21.67
CA THR B 292 35.39 9.45 -22.83
C THR B 292 36.22 10.64 -22.37
N ASP B 293 37.12 11.09 -23.25
CA ASP B 293 38.04 12.20 -22.97
C ASP B 293 37.29 13.53 -23.10
N VAL B 294 36.41 13.78 -22.13
CA VAL B 294 35.60 14.99 -22.16
C VAL B 294 36.48 16.23 -21.93
N ASN B 295 37.57 16.10 -21.19
CA ASN B 295 38.47 17.23 -20.98
C ASN B 295 39.56 17.33 -22.03
N GLY B 296 39.69 16.33 -22.90
CA GLY B 296 40.61 16.42 -24.03
C GLY B 296 42.07 16.58 -23.65
N ASP B 297 42.50 15.93 -22.56
CA ASP B 297 43.90 15.96 -22.15
C ASP B 297 44.60 14.63 -22.34
N GLY B 298 43.99 13.70 -23.08
CA GLY B 298 44.52 12.37 -23.23
C GLY B 298 44.15 11.40 -22.14
N LEU B 299 43.27 11.79 -21.22
CA LEU B 299 42.85 10.96 -20.10
C LEU B 299 41.34 10.86 -20.10
N ASP B 300 40.82 9.63 -20.21
CA ASP B 300 39.38 9.43 -20.23
C ASP B 300 38.77 9.81 -18.89
N ASP B 301 37.49 10.18 -18.90
CA ASP B 301 36.81 10.66 -17.72
C ASP B 301 35.45 9.97 -17.60
N LEU B 302 34.95 9.92 -16.36
CA LEU B 302 33.74 9.19 -16.04
C LEU B 302 32.51 10.08 -16.15
N LEU B 303 31.41 9.52 -16.63
CA LEU B 303 30.13 10.21 -16.69
C LEU B 303 29.03 9.27 -16.27
N VAL B 304 28.14 9.75 -15.40
CA VAL B 304 27.06 8.94 -14.83
C VAL B 304 25.75 9.69 -15.04
N GLY B 305 24.66 8.95 -15.18
CA GLY B 305 23.34 9.54 -15.34
C GLY B 305 22.38 9.04 -14.27
N ALA B 306 21.51 9.93 -13.81
CA ALA B 306 20.52 9.61 -12.79
C ALA B 306 19.15 10.04 -13.29
N PRO B 307 18.39 9.13 -13.90
CA PRO B 307 17.07 9.50 -14.41
C PRO B 307 16.04 9.77 -13.34
N LEU B 308 16.30 9.36 -12.09
CA LEU B 308 15.36 9.56 -10.99
C LEU B 308 15.85 10.64 -10.04
N LEU B 309 16.53 11.65 -10.58
CA LEU B 309 17.13 12.71 -9.78
C LEU B 309 16.09 13.78 -9.52
N MET B 310 15.35 13.60 -8.43
CA MET B 310 14.31 14.55 -8.03
C MET B 310 14.96 15.79 -7.44
N ASP B 311 14.25 16.92 -7.51
CA ASP B 311 14.83 18.18 -7.08
C ASP B 311 13.68 19.15 -6.84
N ARG B 312 13.52 19.59 -5.59
CA ARG B 312 12.43 20.50 -5.25
C ARG B 312 12.62 21.85 -5.94
N THR B 313 11.55 22.36 -6.54
CA THR B 313 11.58 23.65 -7.18
C THR B 313 11.58 24.74 -6.11
N PRO B 314 11.89 25.99 -6.49
CA PRO B 314 11.77 27.09 -5.52
C PRO B 314 10.37 27.24 -4.93
N ASP B 315 9.34 26.71 -5.59
CA ASP B 315 8.00 26.70 -5.03
C ASP B 315 7.85 25.71 -3.88
N GLY B 316 8.84 24.86 -3.65
CA GLY B 316 8.72 23.80 -2.67
C GLY B 316 8.09 22.53 -3.20
N ARG B 317 7.79 22.46 -4.50
CA ARG B 317 7.20 21.27 -5.08
C ARG B 317 8.31 20.34 -5.54
N PRO B 318 8.37 19.11 -5.04
CA PRO B 318 9.43 18.19 -5.48
C PRO B 318 9.16 17.61 -6.87
N GLN B 319 9.96 18.02 -7.85
CA GLN B 319 9.77 17.59 -9.23
C GLN B 319 11.11 17.18 -9.84
N GLU B 320 11.16 15.98 -10.40
CA GLU B 320 12.39 15.48 -11.02
C GLU B 320 12.80 16.35 -12.20
N VAL B 321 14.08 16.72 -12.24
CA VAL B 321 14.62 17.44 -13.39
C VAL B 321 15.89 16.75 -13.90
N GLY B 322 16.57 16.04 -13.01
CA GLY B 322 17.73 15.27 -13.39
C GLY B 322 19.03 16.05 -13.54
N ARG B 323 20.16 15.37 -13.30
CA ARG B 323 21.46 15.91 -13.63
C ARG B 323 22.43 14.76 -13.84
N VAL B 324 23.53 15.04 -14.53
CA VAL B 324 24.52 14.05 -14.89
C VAL B 324 25.82 14.38 -14.16
N TYR B 325 26.37 13.40 -13.46
CA TYR B 325 27.60 13.56 -12.70
C TYR B 325 28.80 13.23 -13.59
N VAL B 326 29.78 14.13 -13.62
CA VAL B 326 30.97 13.95 -14.44
C VAL B 326 32.17 13.94 -13.50
N TYR B 327 32.79 12.77 -13.34
CA TYR B 327 34.01 12.63 -12.56
C TYR B 327 35.20 12.80 -13.50
N LEU B 328 35.76 14.00 -13.55
CA LEU B 328 36.95 14.24 -14.35
C LEU B 328 38.13 13.49 -13.75
N GLN B 329 38.96 12.92 -14.62
CA GLN B 329 40.17 12.22 -14.19
C GLN B 329 41.36 13.15 -14.30
N HIS B 330 42.13 13.24 -13.23
CA HIS B 330 43.36 14.01 -13.17
C HIS B 330 44.56 13.06 -13.17
N PRO B 331 45.74 13.55 -13.55
CA PRO B 331 46.92 12.66 -13.55
C PRO B 331 47.20 12.01 -12.21
N ALA B 332 46.92 12.70 -11.10
CA ALA B 332 47.11 12.11 -9.78
C ALA B 332 46.04 11.10 -9.41
N GLY B 333 44.97 10.99 -10.20
CA GLY B 333 43.88 10.11 -9.93
C GLY B 333 42.56 10.81 -10.22
N ILE B 334 41.46 10.15 -9.88
CA ILE B 334 40.12 10.68 -10.13
C ILE B 334 39.57 11.16 -8.80
N GLU B 335 39.18 12.43 -8.75
CA GLU B 335 38.68 13.02 -7.52
C GLU B 335 37.34 12.38 -7.14
N PRO B 336 37.14 12.07 -5.87
CA PRO B 336 35.86 11.43 -5.46
C PRO B 336 34.65 12.32 -5.68
N THR B 337 34.84 13.63 -5.79
CA THR B 337 33.70 14.49 -6.05
C THR B 337 33.59 14.81 -7.54
N PRO B 338 32.38 14.83 -8.08
CA PRO B 338 32.20 15.19 -9.49
C PRO B 338 32.58 16.64 -9.73
N THR B 339 33.48 16.85 -10.69
CA THR B 339 33.93 18.21 -11.00
C THR B 339 32.77 19.07 -11.49
N LEU B 340 31.81 18.39 -12.15
CA LEU B 340 30.59 19.06 -12.66
C LEU B 340 29.42 18.06 -12.62
N THR B 341 28.23 18.51 -12.22
CA THR B 341 27.02 17.65 -12.22
C THR B 341 25.97 18.41 -13.02
N LEU B 342 26.12 18.45 -14.34
CA LEU B 342 25.21 19.26 -15.18
C LEU B 342 23.76 18.84 -14.91
N THR B 343 22.83 19.80 -14.92
CA THR B 343 21.44 19.49 -14.51
C THR B 343 20.45 19.65 -15.64
N GLY B 344 19.40 18.81 -15.68
CA GLY B 344 18.33 18.97 -16.68
C GLY B 344 17.31 19.97 -16.15
N HIS B 345 16.59 20.66 -17.05
CA HIS B 345 15.63 21.72 -16.63
C HIS B 345 14.23 21.19 -16.92
N ASP B 346 14.11 20.36 -17.96
CA ASP B 346 12.87 19.72 -18.34
C ASP B 346 12.19 19.09 -17.14
N GLU B 347 10.86 19.02 -17.21
CA GLU B 347 10.05 18.49 -16.12
C GLU B 347 9.86 17.00 -16.30
N PHE B 348 10.28 16.22 -15.29
CA PHE B 348 10.13 14.77 -15.28
C PHE B 348 10.75 14.11 -16.51
N GLY B 349 11.82 14.71 -17.03
CA GLY B 349 12.42 14.21 -18.26
C GLY B 349 13.19 12.92 -18.11
N ARG B 350 13.48 12.50 -16.87
CA ARG B 350 14.38 11.38 -16.62
C ARG B 350 15.71 11.58 -17.34
N PHE B 351 16.21 12.81 -17.29
CA PHE B 351 17.50 13.12 -17.87
C PHE B 351 18.58 12.28 -17.19
N GLY B 352 19.37 11.57 -17.99
CA GLY B 352 20.36 10.67 -17.45
C GLY B 352 20.01 9.21 -17.66
N SER B 353 19.42 8.90 -18.80
CA SER B 353 18.96 7.54 -19.08
C SER B 353 19.88 6.75 -19.99
N SER B 354 20.56 7.41 -20.93
CA SER B 354 21.45 6.71 -21.86
C SER B 354 22.58 7.64 -22.26
N LEU B 355 23.74 7.48 -21.64
CA LEU B 355 24.93 8.23 -22.00
C LEU B 355 25.83 7.38 -22.89
N THR B 356 26.40 8.02 -23.90
CA THR B 356 27.31 7.37 -24.84
C THR B 356 28.16 8.42 -25.53
N PRO B 357 29.47 8.23 -25.59
CA PRO B 357 30.35 9.28 -26.12
C PRO B 357 30.01 9.65 -27.56
N LEU B 358 30.21 10.93 -27.87
CA LEU B 358 30.02 11.45 -29.22
C LEU B 358 31.31 11.87 -29.90
N GLY B 359 32.35 12.19 -29.13
CA GLY B 359 33.58 12.62 -29.73
C GLY B 359 33.53 14.08 -30.18
N ASP B 360 34.35 14.40 -31.17
CA ASP B 360 34.51 15.77 -31.65
C ASP B 360 33.38 16.11 -32.61
N LEU B 361 32.25 16.56 -32.03
CA LEU B 361 31.10 16.91 -32.85
C LEU B 361 31.31 18.22 -33.60
N ASP B 362 31.83 19.24 -32.92
CA ASP B 362 31.99 20.56 -33.49
C ASP B 362 33.43 20.85 -33.92
N GLN B 363 34.29 19.83 -33.93
CA GLN B 363 35.66 19.95 -34.42
C GLN B 363 36.45 21.00 -33.64
N ASP B 364 36.61 20.75 -32.34
CA ASP B 364 37.48 21.54 -31.48
C ASP B 364 38.43 20.68 -30.67
N GLY B 365 38.50 19.38 -30.96
CA GLY B 365 39.29 18.45 -30.18
C GLY B 365 38.75 18.18 -28.79
N TYR B 366 37.43 18.30 -28.60
CA TYR B 366 36.84 18.25 -27.27
C TYR B 366 35.63 17.33 -27.32
N ASN B 367 35.78 16.12 -26.76
CA ASN B 367 34.76 15.09 -26.91
C ASN B 367 33.49 15.45 -26.14
N ASP B 368 32.34 15.11 -26.74
CA ASP B 368 31.02 15.38 -26.17
C ASP B 368 30.35 14.08 -25.77
N VAL B 369 29.13 14.19 -25.27
CA VAL B 369 28.36 13.03 -24.81
C VAL B 369 26.89 13.29 -25.07
N ALA B 370 26.19 12.25 -25.54
CA ALA B 370 24.75 12.30 -25.74
C ALA B 370 24.03 11.71 -24.52
N ILE B 371 22.76 12.09 -24.38
CA ILE B 371 21.93 11.64 -23.27
C ILE B 371 20.47 11.72 -23.70
N GLY B 372 19.69 10.71 -23.34
CA GLY B 372 18.32 10.58 -23.81
C GLY B 372 17.30 10.74 -22.70
N ALA B 373 16.21 11.42 -23.03
CA ALA B 373 15.09 11.61 -22.11
C ALA B 373 13.92 10.76 -22.55
N PRO B 374 13.54 9.71 -21.82
CA PRO B 374 12.40 8.89 -22.27
C PRO B 374 11.08 9.63 -22.22
N PHE B 375 10.81 10.37 -21.13
CA PHE B 375 9.51 10.98 -20.90
C PHE B 375 9.58 12.50 -20.88
N GLY B 376 10.65 13.08 -21.41
CA GLY B 376 10.80 14.52 -21.43
C GLY B 376 10.05 15.16 -22.58
N GLY B 377 10.23 16.47 -22.69
CA GLY B 377 9.58 17.23 -23.73
C GLY B 377 8.16 17.63 -23.37
N GLU B 378 7.62 18.58 -24.14
CA GLU B 378 6.28 19.08 -23.88
C GLU B 378 5.22 18.01 -24.07
N THR B 379 5.34 17.23 -25.14
CA THR B 379 4.39 16.17 -25.46
C THR B 379 4.94 14.78 -25.17
N GLN B 380 5.81 14.66 -24.16
CA GLN B 380 6.41 13.39 -23.78
C GLN B 380 7.17 12.76 -24.94
N GLN B 381 7.79 13.60 -25.78
CA GLN B 381 8.56 13.11 -26.91
C GLN B 381 9.94 12.62 -26.47
N GLY B 382 10.74 13.52 -25.90
CA GLY B 382 12.04 13.12 -25.39
C GLY B 382 13.20 13.67 -26.17
N VAL B 383 13.82 14.72 -25.64
CA VAL B 383 14.94 15.39 -26.28
C VAL B 383 16.23 14.63 -25.97
N VAL B 384 17.06 14.45 -26.98
CA VAL B 384 18.41 13.93 -26.80
C VAL B 384 19.34 15.14 -26.64
N PHE B 385 19.88 15.30 -25.44
CA PHE B 385 20.69 16.46 -25.10
C PHE B 385 22.15 16.19 -25.40
N VAL B 386 22.82 17.17 -26.01
CA VAL B 386 24.21 17.05 -26.44
C VAL B 386 24.98 18.23 -25.85
N PHE B 387 26.02 17.93 -25.07
CA PHE B 387 26.73 18.98 -24.36
C PHE B 387 28.01 19.37 -25.09
N PRO B 388 28.40 20.65 -25.03
CA PRO B 388 29.64 21.07 -25.68
C PRO B 388 30.85 20.79 -24.79
N GLY B 389 32.03 20.92 -25.39
CA GLY B 389 33.26 20.75 -24.65
C GLY B 389 33.73 22.02 -23.98
N GLY B 390 34.64 21.86 -23.03
CA GLY B 390 35.19 22.96 -22.29
C GLY B 390 36.28 22.54 -21.32
N PRO B 391 36.99 23.52 -20.76
CA PRO B 391 38.11 23.18 -19.85
C PRO B 391 37.69 22.35 -18.65
N GLY B 392 36.50 22.59 -18.10
CA GLY B 392 36.04 21.84 -16.96
C GLY B 392 35.52 20.46 -17.25
N GLY B 393 35.48 20.06 -18.52
CA GLY B 393 34.96 18.76 -18.90
C GLY B 393 33.66 18.85 -19.66
N LEU B 394 32.63 18.20 -19.16
CA LEU B 394 31.32 18.25 -19.78
C LEU B 394 30.63 19.58 -19.47
N GLY B 395 29.71 19.97 -20.34
CA GLY B 395 28.93 21.16 -20.12
C GLY B 395 27.78 20.94 -19.17
N SER B 396 27.05 22.03 -18.90
CA SER B 396 25.88 21.98 -18.04
C SER B 396 24.59 22.35 -18.75
N LYS B 397 24.65 22.71 -20.03
CA LYS B 397 23.48 23.18 -20.76
C LYS B 397 23.64 22.73 -22.20
N PRO B 398 22.83 21.77 -22.67
CA PRO B 398 23.13 21.11 -23.95
C PRO B 398 23.12 22.05 -25.15
N SER B 399 24.30 22.25 -25.75
CA SER B 399 24.44 23.25 -26.81
C SER B 399 23.53 22.95 -28.00
N GLN B 400 23.45 21.69 -28.41
CA GLN B 400 22.59 21.28 -29.51
C GLN B 400 21.43 20.47 -28.98
N VAL B 401 20.23 20.78 -29.45
CA VAL B 401 18.99 20.19 -28.97
C VAL B 401 18.39 19.37 -30.11
N LEU B 402 18.17 18.07 -29.86
CA LEU B 402 17.64 17.15 -30.85
C LEU B 402 16.34 16.55 -30.33
N GLN B 403 15.33 16.50 -31.17
CA GLN B 403 14.02 15.97 -30.81
C GLN B 403 13.51 15.01 -31.87
N PRO B 404 12.64 14.07 -31.50
CA PRO B 404 12.01 13.22 -32.51
C PRO B 404 11.14 14.04 -33.46
N LEU B 405 11.10 13.60 -34.71
CA LEU B 405 10.39 14.35 -35.75
C LEU B 405 8.93 13.94 -35.89
N TRP B 406 8.61 12.67 -35.64
CA TRP B 406 7.24 12.20 -35.81
C TRP B 406 6.34 12.77 -34.72
N ALA B 407 5.04 12.81 -35.02
CA ALA B 407 4.06 13.29 -34.06
C ALA B 407 3.86 12.29 -32.93
N ALA B 408 3.56 12.82 -31.75
CA ALA B 408 3.35 11.97 -30.58
C ALA B 408 2.08 11.16 -30.72
N SER B 409 2.06 10.00 -30.09
CA SER B 409 0.91 9.11 -30.07
C SER B 409 0.61 8.70 -28.63
N HIS B 410 -0.32 7.75 -28.47
CA HIS B 410 -0.65 7.26 -27.14
C HIS B 410 0.54 6.55 -26.51
N THR B 411 1.14 5.61 -27.24
CA THR B 411 2.31 4.91 -26.73
C THR B 411 3.50 5.87 -26.63
N PRO B 412 4.34 5.71 -25.61
CA PRO B 412 5.45 6.64 -25.41
C PRO B 412 6.45 6.60 -26.56
N ASP B 413 7.11 7.73 -26.78
CA ASP B 413 8.17 7.78 -27.78
C ASP B 413 9.37 6.94 -27.36
N PHE B 414 9.75 7.01 -26.08
CA PHE B 414 10.95 6.36 -25.57
C PHE B 414 12.21 6.79 -26.34
N PHE B 415 12.17 7.98 -26.93
CA PHE B 415 13.26 8.42 -27.79
C PHE B 415 14.47 8.79 -26.95
N GLY B 416 15.36 7.82 -26.74
CA GLY B 416 16.53 8.04 -25.92
C GLY B 416 16.66 7.06 -24.77
N SER B 417 15.93 5.93 -24.84
CA SER B 417 16.06 4.87 -23.85
C SER B 417 17.09 3.83 -24.23
N ALA B 418 17.67 3.93 -25.43
CA ALA B 418 18.77 3.05 -25.84
C ALA B 418 19.46 3.73 -27.02
N LEU B 419 20.72 4.12 -26.85
CA LEU B 419 21.41 4.89 -27.87
C LEU B 419 22.88 4.46 -27.91
N ARG B 420 23.48 4.60 -29.09
CA ARG B 420 24.91 4.39 -29.28
C ARG B 420 25.43 5.41 -30.28
N GLY B 421 26.72 5.72 -30.19
CA GLY B 421 27.31 6.68 -31.10
C GLY B 421 28.79 6.81 -30.87
N GLY B 422 29.41 7.71 -31.65
CA GLY B 422 30.82 8.01 -31.53
C GLY B 422 31.69 7.55 -32.67
N ARG B 423 31.12 6.93 -33.70
CA ARG B 423 31.88 6.49 -34.87
C ARG B 423 31.33 7.15 -36.13
N ASP B 424 31.96 6.84 -37.26
CA ASP B 424 31.55 7.37 -38.55
C ASP B 424 31.04 6.22 -39.43
N LEU B 425 29.92 6.44 -40.10
CA LEU B 425 29.28 5.42 -40.92
C LEU B 425 29.59 5.59 -42.40
N ASP B 426 29.28 6.76 -42.96
CA ASP B 426 29.46 7.01 -44.38
C ASP B 426 30.85 7.54 -44.72
N GLY B 427 31.69 7.77 -43.72
CA GLY B 427 33.01 8.34 -43.97
C GLY B 427 32.98 9.75 -44.49
N ASN B 428 32.08 10.58 -43.98
CA ASN B 428 31.97 11.98 -44.40
C ASN B 428 32.98 12.88 -43.72
N GLY B 429 33.77 12.35 -42.78
CA GLY B 429 34.77 13.13 -42.08
C GLY B 429 34.37 13.58 -40.68
N TYR B 430 33.14 13.34 -40.27
CA TYR B 430 32.67 13.71 -38.95
C TYR B 430 31.93 12.54 -38.31
N PRO B 431 32.03 12.40 -36.98
CA PRO B 431 31.31 11.32 -36.30
C PRO B 431 29.81 11.53 -36.32
N ASP B 432 29.08 10.42 -36.30
CA ASP B 432 27.63 10.40 -36.31
C ASP B 432 27.10 9.74 -35.05
N LEU B 433 25.78 9.58 -34.99
CA LEU B 433 25.12 8.99 -33.84
C LEU B 433 23.85 8.29 -34.29
N ILE B 434 23.52 7.18 -33.62
CA ILE B 434 22.34 6.39 -33.94
C ILE B 434 21.46 6.32 -32.69
N VAL B 435 20.20 6.70 -32.84
CA VAL B 435 19.25 6.73 -31.74
C VAL B 435 18.32 5.53 -31.87
N GLY B 436 18.14 4.80 -30.77
CA GLY B 436 17.21 3.69 -30.75
C GLY B 436 15.95 3.99 -29.96
N SER B 437 14.85 4.24 -30.67
CA SER B 437 13.58 4.65 -30.06
C SER B 437 12.60 3.50 -30.22
N PHE B 438 12.42 2.72 -29.15
CA PHE B 438 11.57 1.54 -29.22
C PHE B 438 10.14 1.82 -28.79
N GLY B 439 9.79 3.06 -28.47
CA GLY B 439 8.39 3.40 -28.28
C GLY B 439 7.61 3.28 -29.56
N VAL B 440 8.17 3.78 -30.67
CA VAL B 440 7.58 3.64 -31.99
C VAL B 440 8.39 2.73 -32.91
N ASP B 441 9.47 2.13 -32.39
CA ASP B 441 10.29 1.15 -33.10
C ASP B 441 10.90 1.74 -34.38
N LYS B 442 11.68 2.81 -34.20
CA LYS B 442 12.38 3.44 -35.30
C LYS B 442 13.80 3.81 -34.86
N ALA B 443 14.52 4.48 -35.74
CA ALA B 443 15.87 4.95 -35.47
C ALA B 443 16.15 6.18 -36.30
N VAL B 444 17.06 7.03 -35.82
CA VAL B 444 17.44 8.26 -36.50
C VAL B 444 18.95 8.44 -36.40
N VAL B 445 19.58 8.82 -37.50
CA VAL B 445 21.00 9.12 -37.53
C VAL B 445 21.18 10.60 -37.82
N TYR B 446 22.25 11.18 -37.28
CA TYR B 446 22.55 12.60 -37.45
C TYR B 446 24.02 12.75 -37.80
N ARG B 447 24.31 13.66 -38.73
CA ARG B 447 25.68 13.91 -39.19
C ARG B 447 25.98 15.40 -39.10
N GLY B 448 27.26 15.72 -38.90
CA GLY B 448 27.69 17.10 -38.83
C GLY B 448 27.96 17.72 -40.18
N GLU C 1 -35.86 7.81 12.84
CA GLU C 1 -35.92 6.71 13.79
C GLU C 1 -35.37 5.42 13.19
N VAL C 2 -34.23 4.97 13.68
CA VAL C 2 -33.63 3.74 13.21
C VAL C 2 -34.34 2.58 13.88
N GLN C 3 -34.86 1.65 13.07
CA GLN C 3 -35.60 0.51 13.57
C GLN C 3 -35.03 -0.76 12.95
N LEU C 4 -35.08 -1.85 13.70
CA LEU C 4 -34.54 -3.14 13.29
C LEU C 4 -35.66 -4.17 13.46
N GLN C 5 -36.43 -4.37 12.39
CA GLN C 5 -37.57 -5.28 12.41
C GLN C 5 -37.08 -6.69 12.13
N GLN C 6 -37.06 -7.53 13.16
CA GLN C 6 -36.61 -8.90 13.01
C GLN C 6 -37.78 -9.81 12.65
N SER C 7 -37.45 -11.03 12.24
CA SER C 7 -38.47 -12.04 11.97
C SER C 7 -39.11 -12.49 13.29
N GLY C 8 -40.18 -13.26 13.16
CA GLY C 8 -40.87 -13.78 14.31
C GLY C 8 -40.05 -14.83 15.03
N PRO C 9 -40.52 -15.27 16.20
CA PRO C 9 -39.77 -16.27 16.96
C PRO C 9 -39.63 -17.58 16.19
N GLU C 10 -38.39 -17.91 15.82
CA GLU C 10 -38.13 -19.09 15.02
C GLU C 10 -38.19 -20.35 15.88
N VAL C 11 -38.37 -21.49 15.23
CA VAL C 11 -38.33 -22.79 15.88
C VAL C 11 -37.41 -23.69 15.05
N GLY C 12 -36.43 -24.31 15.71
CA GLY C 12 -35.49 -25.16 15.02
C GLY C 12 -35.29 -26.47 15.77
N ARG C 13 -34.76 -27.44 15.04
CA ARG C 13 -34.47 -28.73 15.65
C ARG C 13 -32.99 -28.83 16.01
N PRO C 14 -32.64 -29.61 17.02
CA PRO C 14 -31.23 -29.79 17.37
C PRO C 14 -30.46 -30.42 16.21
N GLY C 15 -29.51 -29.66 15.67
CA GLY C 15 -28.73 -30.09 14.52
C GLY C 15 -29.14 -29.46 13.21
N SER C 16 -30.32 -28.84 13.15
CA SER C 16 -30.79 -28.20 11.94
C SER C 16 -30.20 -26.78 11.85
N SER C 17 -30.70 -26.00 10.89
CA SER C 17 -30.25 -24.63 10.70
C SER C 17 -31.45 -23.71 10.64
N VAL C 18 -31.34 -22.56 11.30
CA VAL C 18 -32.37 -21.54 11.27
C VAL C 18 -31.76 -20.26 10.72
N LYS C 19 -32.60 -19.43 10.10
CA LYS C 19 -32.16 -18.21 9.44
C LYS C 19 -32.95 -17.05 10.02
N ILE C 20 -32.39 -16.41 11.05
CA ILE C 20 -33.02 -15.26 11.66
C ILE C 20 -32.74 -14.02 10.82
N SER C 21 -33.79 -13.31 10.44
CA SER C 21 -33.66 -12.13 9.60
C SER C 21 -33.59 -10.87 10.47
N CYS C 22 -33.14 -9.78 9.85
CA CYS C 22 -33.14 -8.47 10.50
C CYS C 22 -33.34 -7.43 9.40
N LYS C 23 -34.60 -7.03 9.19
CA LYS C 23 -34.96 -6.05 8.17
C LYS C 23 -34.65 -4.66 8.73
N ALA C 24 -33.42 -4.21 8.51
CA ALA C 24 -32.98 -2.92 9.03
C ALA C 24 -33.57 -1.80 8.20
N SER C 25 -34.16 -0.82 8.88
CA SER C 25 -34.75 0.34 8.23
C SER C 25 -34.35 1.60 8.97
N GLY C 26 -34.41 2.73 8.27
CA GLY C 26 -34.08 4.01 8.84
C GLY C 26 -32.62 4.41 8.72
N TYR C 27 -31.77 3.56 8.16
CA TYR C 27 -30.36 3.88 8.01
C TYR C 27 -29.79 3.07 6.84
N THR C 28 -28.62 3.50 6.39
CA THR C 28 -27.93 2.81 5.29
C THR C 28 -27.48 1.44 5.77
N PHE C 29 -28.13 0.39 5.26
CA PHE C 29 -27.81 -0.96 5.69
C PHE C 29 -26.37 -1.33 5.35
N THR C 30 -25.91 -0.98 4.15
CA THR C 30 -24.56 -1.33 3.73
C THR C 30 -23.52 -0.53 4.49
N GLY C 31 -23.82 0.74 4.78
CA GLY C 31 -22.82 1.62 5.38
C GLY C 31 -22.50 1.33 6.82
N TYR C 32 -23.38 0.63 7.53
CA TYR C 32 -23.18 0.36 8.95
C TYR C 32 -23.02 -1.14 9.18
N ILE C 33 -22.05 -1.48 10.03
CA ILE C 33 -21.87 -2.86 10.46
C ILE C 33 -23.06 -3.30 11.31
N LEU C 34 -23.45 -4.56 11.13
CA LEU C 34 -24.56 -5.13 11.88
C LEU C 34 -24.04 -6.32 12.66
N SER C 35 -24.19 -6.27 13.99
CA SER C 35 -23.69 -7.29 14.89
C SER C 35 -24.86 -8.07 15.48
N TRP C 36 -24.56 -9.28 15.94
CA TRP C 36 -25.53 -10.12 16.63
C TRP C 36 -25.09 -10.32 18.06
N VAL C 37 -25.99 -10.03 19.00
CA VAL C 37 -25.70 -10.12 20.43
C VAL C 37 -26.66 -11.14 21.02
N LYS C 38 -26.18 -12.38 21.14
CA LYS C 38 -26.98 -13.43 21.78
C LYS C 38 -27.24 -13.07 23.24
N GLN C 39 -28.47 -13.34 23.69
CA GLN C 39 -28.85 -13.08 25.07
C GLN C 39 -29.77 -14.21 25.52
N SER C 40 -29.22 -15.15 26.27
CA SER C 40 -30.02 -16.25 26.80
C SER C 40 -31.03 -15.71 27.82
N PRO C 41 -32.19 -16.38 27.96
CA PRO C 41 -33.16 -15.94 28.96
C PRO C 41 -32.59 -15.96 30.36
N GLY C 42 -32.49 -14.79 30.99
CA GLY C 42 -31.91 -14.66 32.30
C GLY C 42 -30.41 -14.42 32.33
N GLN C 43 -29.75 -14.41 31.19
CA GLN C 43 -28.31 -14.19 31.09
C GLN C 43 -28.03 -12.80 30.56
N GLY C 44 -26.74 -12.51 30.39
CA GLY C 44 -26.29 -11.24 29.86
C GLY C 44 -26.15 -11.25 28.35
N LEU C 45 -25.40 -10.29 27.85
CA LEU C 45 -25.19 -10.12 26.42
C LEU C 45 -23.83 -10.69 26.03
N GLU C 46 -23.83 -11.58 25.04
CA GLU C 46 -22.61 -12.13 24.48
C GLU C 46 -22.54 -11.78 23.00
N TRP C 47 -21.42 -11.20 22.58
CA TRP C 47 -21.26 -10.72 21.22
C TRP C 47 -20.95 -11.91 20.31
N ILE C 48 -21.93 -12.29 19.49
CA ILE C 48 -21.75 -13.41 18.56
C ILE C 48 -20.66 -13.08 17.54
N GLY C 49 -20.78 -11.92 16.92
CA GLY C 49 -19.93 -11.57 15.78
C GLY C 49 -20.55 -10.40 15.04
N TRP C 50 -20.19 -10.28 13.77
CA TRP C 50 -20.72 -9.18 12.98
C TRP C 50 -20.75 -9.56 11.52
N VAL C 51 -21.65 -8.91 10.79
CA VAL C 51 -21.74 -9.02 9.34
C VAL C 51 -21.34 -7.67 8.77
N ASP C 52 -21.01 -7.68 7.47
CA ASP C 52 -20.71 -6.43 6.76
C ASP C 52 -21.40 -6.48 5.41
N PRO C 53 -22.52 -5.77 5.25
CA PRO C 53 -23.20 -5.75 3.95
C PRO C 53 -22.38 -5.14 2.84
N GLU C 54 -21.36 -4.34 3.16
CA GLU C 54 -20.60 -3.64 2.13
C GLU C 54 -19.69 -4.60 1.37
N TYR C 55 -18.75 -5.23 2.07
CA TYR C 55 -17.79 -6.13 1.43
C TYR C 55 -18.08 -7.60 1.71
N GLY C 56 -19.09 -7.91 2.52
CA GLY C 56 -19.47 -9.28 2.75
C GLY C 56 -18.68 -10.03 3.80
N SER C 57 -17.65 -9.41 4.37
CA SER C 57 -16.83 -10.10 5.36
C SER C 57 -17.57 -10.23 6.68
N THR C 58 -17.32 -11.35 7.37
CA THR C 58 -17.87 -11.59 8.68
C THR C 58 -16.76 -12.10 9.61
N ASP C 59 -16.83 -11.70 10.87
CA ASP C 59 -15.88 -12.17 11.88
C ASP C 59 -16.67 -12.37 13.16
N SER C 60 -16.45 -13.51 13.80
CA SER C 60 -17.15 -13.86 15.03
C SER C 60 -16.14 -14.16 16.13
N ALA C 61 -16.65 -14.36 17.34
CA ALA C 61 -15.82 -14.79 18.44
C ALA C 61 -15.40 -16.25 18.23
N GLU C 62 -14.56 -16.74 19.14
CA GLU C 62 -14.10 -18.13 19.03
C GLU C 62 -15.22 -19.13 19.21
N LYS C 63 -16.34 -18.73 19.81
CA LYS C 63 -17.47 -19.62 20.01
C LYS C 63 -18.47 -19.59 18.86
N PHE C 64 -18.30 -18.68 17.89
CA PHE C 64 -19.27 -18.51 16.82
C PHE C 64 -18.63 -18.43 15.44
N LYS C 65 -17.34 -18.73 15.31
CA LYS C 65 -16.69 -18.64 14.01
C LYS C 65 -17.07 -19.81 13.11
N LYS C 66 -17.22 -21.00 13.68
CA LYS C 66 -17.57 -22.19 12.90
C LYS C 66 -19.04 -22.55 12.98
N ARG C 67 -19.77 -22.02 13.96
CA ARG C 67 -21.16 -22.39 14.17
C ARG C 67 -22.12 -21.44 13.45
N ALA C 68 -22.07 -20.16 13.77
CA ALA C 68 -23.02 -19.18 13.25
C ALA C 68 -22.49 -18.60 11.94
N THR C 69 -23.05 -19.05 10.82
CA THR C 69 -22.70 -18.52 9.51
C THR C 69 -23.46 -17.23 9.29
N LEU C 70 -22.82 -16.10 9.60
CA LEU C 70 -23.45 -14.80 9.46
C LEU C 70 -23.40 -14.35 8.00
N THR C 71 -24.48 -13.76 7.52
CA THR C 71 -24.58 -13.31 6.15
C THR C 71 -25.53 -12.13 6.07
N ALA C 72 -25.40 -11.34 5.01
CA ALA C 72 -26.25 -10.18 4.80
C ALA C 72 -26.66 -10.11 3.34
N ASP C 73 -27.87 -9.62 3.10
CA ASP C 73 -28.41 -9.39 1.76
C ASP C 73 -28.52 -7.88 1.55
N ILE C 74 -27.78 -7.38 0.56
CA ILE C 74 -27.73 -5.94 0.32
C ILE C 74 -29.05 -5.43 -0.25
N SER C 75 -29.63 -6.16 -1.21
CA SER C 75 -30.81 -5.68 -1.90
C SER C 75 -32.01 -5.56 -0.97
N SER C 76 -32.21 -6.53 -0.09
CA SER C 76 -33.38 -6.56 0.77
C SER C 76 -33.17 -5.85 2.11
N ASN C 77 -31.96 -5.33 2.37
CA ASN C 77 -31.64 -4.69 3.64
C ASN C 77 -31.96 -5.61 4.81
N THR C 78 -31.67 -6.89 4.64
CA THR C 78 -31.97 -7.92 5.62
C THR C 78 -30.71 -8.74 5.86
N ALA C 79 -30.37 -8.95 7.13
CA ALA C 79 -29.21 -9.75 7.49
C ALA C 79 -29.65 -11.03 8.17
N TYR C 80 -28.98 -12.13 7.84
CA TYR C 80 -29.32 -13.45 8.34
C TYR C 80 -28.19 -14.00 9.20
N ILE C 81 -28.55 -14.84 10.17
CA ILE C 81 -27.59 -15.59 10.95
C ILE C 81 -27.99 -17.07 10.86
N GLN C 82 -27.10 -17.88 10.32
CA GLN C 82 -27.37 -19.30 10.11
C GLN C 82 -26.82 -20.09 11.30
N LEU C 83 -27.72 -20.65 12.11
CA LEU C 83 -27.33 -21.42 13.28
C LEU C 83 -27.09 -22.87 12.85
N SER C 84 -25.99 -23.07 12.14
CA SER C 84 -25.62 -24.41 11.73
C SER C 84 -25.28 -25.27 12.95
N SER C 85 -25.73 -26.52 12.93
CA SER C 85 -25.52 -27.47 14.02
C SER C 85 -26.07 -26.91 15.33
N LEU C 86 -27.38 -26.75 15.34
CA LEU C 86 -28.06 -26.18 16.50
C LEU C 86 -28.02 -27.12 17.70
N THR C 87 -28.18 -26.54 18.88
CA THR C 87 -28.28 -27.27 20.13
C THR C 87 -29.43 -26.71 20.94
N SER C 88 -30.15 -27.58 21.64
CA SER C 88 -31.29 -27.14 22.44
C SER C 88 -30.88 -26.22 23.57
N GLU C 89 -29.59 -26.17 23.91
CA GLU C 89 -29.09 -25.27 24.93
C GLU C 89 -29.01 -23.82 24.45
N ASP C 90 -29.22 -23.58 23.15
CA ASP C 90 -29.11 -22.25 22.58
C ASP C 90 -30.47 -21.60 22.34
N THR C 91 -31.53 -22.12 22.95
CA THR C 91 -32.82 -21.44 22.92
C THR C 91 -32.68 -20.11 23.64
N ALA C 92 -32.73 -19.01 22.90
CA ALA C 92 -32.42 -17.70 23.46
C ALA C 92 -33.02 -16.61 22.58
N THR C 93 -32.68 -15.37 22.91
CA THR C 93 -33.05 -14.20 22.13
C THR C 93 -31.83 -13.68 21.40
N TYR C 94 -31.95 -13.49 20.10
CA TYR C 94 -30.85 -13.02 19.26
C TYR C 94 -31.17 -11.62 18.77
N PHE C 95 -30.29 -10.67 19.11
CA PHE C 95 -30.48 -9.28 18.72
C PHE C 95 -29.59 -8.95 17.53
N CYS C 96 -30.12 -8.16 16.61
CA CYS C 96 -29.31 -7.49 15.60
C CYS C 96 -29.14 -6.05 16.04
N THR C 97 -27.89 -5.63 16.21
CA THR C 97 -27.57 -4.35 16.83
C THR C 97 -26.66 -3.54 15.92
N ARG C 98 -26.82 -2.23 15.99
CA ARG C 98 -26.08 -1.29 15.15
C ARG C 98 -25.15 -0.48 16.01
N TYR C 99 -23.90 -0.33 15.56
CA TYR C 99 -22.93 0.48 16.27
C TYR C 99 -23.30 1.96 16.19
N TYR C 100 -22.85 2.71 17.20
CA TYR C 100 -23.07 4.15 17.27
C TYR C 100 -22.04 4.81 16.36
N ASP C 101 -22.30 4.75 15.06
CA ASP C 101 -21.52 5.34 13.95
C ASP C 101 -20.25 4.51 13.72
N GLY C 102 -19.90 3.61 14.62
CA GLY C 102 -18.68 2.82 14.42
C GLY C 102 -17.46 3.55 14.94
N TYR C 103 -16.32 3.34 14.27
CA TYR C 103 -15.01 3.85 14.71
C TYR C 103 -14.77 3.30 16.11
N TYR C 104 -14.30 4.10 17.07
CA TYR C 104 -14.17 3.64 18.44
C TYR C 104 -15.51 3.65 19.17
N ARG C 105 -16.50 4.33 18.60
CA ARG C 105 -17.84 4.39 19.20
C ARG C 105 -18.61 3.12 18.87
N ARG C 106 -18.02 2.00 19.27
CA ARG C 106 -18.60 0.68 19.05
C ARG C 106 -19.62 0.37 20.14
N TRP C 107 -20.57 1.29 20.30
CA TRP C 107 -21.65 1.12 21.27
C TRP C 107 -22.89 0.62 20.55
N PHE C 108 -23.56 -0.35 21.16
CA PHE C 108 -24.78 -0.91 20.60
C PHE C 108 -25.94 0.04 20.91
N ALA C 109 -26.10 1.02 20.02
CA ALA C 109 -27.13 2.04 20.24
C ALA C 109 -28.53 1.50 19.97
N TYR C 110 -28.71 0.78 18.87
CA TYR C 110 -30.03 0.36 18.41
C TYR C 110 -30.15 -1.16 18.48
N TRP C 111 -31.25 -1.63 19.05
CA TRP C 111 -31.52 -3.05 19.22
C TRP C 111 -32.86 -3.40 18.61
N GLY C 112 -32.90 -4.54 17.92
CA GLY C 112 -34.15 -5.03 17.38
C GLY C 112 -35.07 -5.54 18.48
N GLN C 113 -36.30 -5.86 18.08
CA GLN C 113 -37.30 -6.32 19.04
C GLN C 113 -36.93 -7.65 19.68
N GLY C 114 -35.98 -8.37 19.09
CA GLY C 114 -35.55 -9.64 19.66
C GLY C 114 -36.25 -10.83 19.04
N THR C 115 -35.47 -11.81 18.59
CA THR C 115 -36.00 -13.04 18.00
C THR C 115 -35.75 -14.17 18.99
N LEU C 116 -36.75 -14.43 19.84
CA LEU C 116 -36.65 -15.50 20.82
C LEU C 116 -36.88 -16.83 20.10
N VAL C 117 -35.81 -17.39 19.55
CA VAL C 117 -35.88 -18.68 18.89
C VAL C 117 -35.97 -19.77 19.94
N THR C 118 -36.77 -20.79 19.66
CA THR C 118 -37.02 -21.89 20.60
C THR C 118 -36.57 -23.18 19.92
N VAL C 119 -35.30 -23.50 20.07
CA VAL C 119 -34.72 -24.68 19.43
C VAL C 119 -35.02 -25.88 20.32
N SER C 120 -35.91 -26.76 19.85
CA SER C 120 -36.34 -27.92 20.62
C SER C 120 -36.85 -28.98 19.65
N SER C 121 -37.00 -30.20 20.17
CA SER C 121 -37.46 -31.34 19.39
C SER C 121 -38.94 -31.61 19.57
N ALA C 122 -39.75 -30.57 19.77
CA ALA C 122 -41.19 -30.71 19.94
C ALA C 122 -41.91 -29.86 18.92
N SER C 123 -42.97 -30.42 18.32
CA SER C 123 -43.73 -29.72 17.31
C SER C 123 -44.71 -28.74 17.96
N THR C 124 -45.37 -27.95 17.12
CA THR C 124 -46.35 -26.98 17.59
C THR C 124 -47.49 -27.70 18.31
N LYS C 125 -47.87 -27.19 19.47
CA LYS C 125 -48.89 -27.80 20.31
C LYS C 125 -49.90 -26.75 20.74
N GLY C 126 -51.17 -27.13 20.76
CA GLY C 126 -52.23 -26.23 21.14
C GLY C 126 -52.15 -25.81 22.59
N PRO C 127 -52.60 -24.60 22.89
CA PRO C 127 -52.57 -24.13 24.28
C PRO C 127 -53.64 -24.78 25.13
N SER C 128 -53.22 -25.60 26.09
CA SER C 128 -54.14 -26.31 26.99
C SER C 128 -54.38 -25.41 28.20
N VAL C 129 -55.53 -24.72 28.20
CA VAL C 129 -55.90 -23.82 29.27
C VAL C 129 -56.98 -24.51 30.10
N PHE C 130 -56.67 -24.82 31.36
CA PHE C 130 -57.60 -25.47 32.26
C PHE C 130 -57.59 -24.74 33.60
N PRO C 131 -58.53 -23.82 33.82
CA PRO C 131 -58.57 -23.11 35.10
C PRO C 131 -59.19 -23.95 36.21
N LEU C 132 -59.39 -23.34 37.38
CA LEU C 132 -60.00 -24.07 38.50
C LEU C 132 -61.41 -24.52 38.15
N ALA C 133 -62.19 -23.65 37.49
CA ALA C 133 -63.54 -24.00 37.10
C ALA C 133 -63.53 -25.01 35.96
N LEU C 146 -58.02 -15.34 40.82
CA LEU C 146 -58.77 -15.63 39.61
C LEU C 146 -57.94 -15.32 38.36
N GLY C 147 -57.86 -16.29 37.46
CA GLY C 147 -57.10 -16.10 36.23
C GLY C 147 -57.11 -17.37 35.42
N CYS C 148 -56.46 -17.28 34.26
CA CYS C 148 -56.35 -18.39 33.33
C CYS C 148 -54.94 -18.97 33.40
N LEU C 149 -54.85 -20.29 33.55
CA LEU C 149 -53.58 -20.99 33.61
C LEU C 149 -53.33 -21.68 32.28
N VAL C 150 -52.18 -21.41 31.67
CA VAL C 150 -51.79 -21.99 30.39
C VAL C 150 -50.70 -23.01 30.66
N LYS C 151 -50.91 -24.26 30.24
CA LYS C 151 -49.98 -25.34 30.48
C LYS C 151 -49.79 -26.17 29.22
N ASP C 152 -48.56 -26.65 29.03
CA ASP C 152 -48.21 -27.58 27.95
C ASP C 152 -48.61 -27.01 26.58
N TYR C 153 -47.96 -25.92 26.22
CA TYR C 153 -48.22 -25.26 24.94
C TYR C 153 -46.90 -24.91 24.28
N PHE C 154 -46.90 -24.95 22.94
CA PHE C 154 -45.74 -24.62 22.12
C PHE C 154 -46.21 -23.89 20.87
N PRO C 155 -45.48 -22.87 20.42
CA PRO C 155 -44.33 -22.24 21.06
C PRO C 155 -44.68 -20.86 21.62
N GLU C 156 -43.72 -20.17 22.22
CA GLU C 156 -43.94 -18.80 22.67
C GLU C 156 -44.09 -17.88 21.46
N PRO C 157 -44.83 -16.76 21.61
CA PRO C 157 -45.57 -16.31 22.78
C PRO C 157 -47.08 -16.51 22.66
N VAL C 158 -47.84 -16.03 23.63
CA VAL C 158 -49.30 -16.09 23.56
C VAL C 158 -49.86 -14.72 23.20
N PHE C 174 -46.50 -13.08 34.32
CA PHE C 174 -45.59 -14.20 34.59
C PHE C 174 -45.02 -14.76 33.30
N PRO C 175 -43.71 -14.61 33.11
CA PRO C 175 -43.06 -15.17 31.91
C PRO C 175 -43.17 -16.69 31.90
N ALA C 176 -43.24 -17.25 30.69
CA ALA C 176 -43.36 -18.69 30.53
C ALA C 176 -42.07 -19.38 30.96
N VAL C 177 -42.23 -20.48 31.69
CA VAL C 177 -41.10 -21.26 32.19
C VAL C 177 -41.23 -22.68 31.64
N LEU C 178 -40.15 -23.18 31.04
CA LEU C 178 -40.15 -24.52 30.47
C LEU C 178 -39.92 -25.56 31.55
N GLN C 179 -40.69 -26.64 31.48
CA GLN C 179 -40.60 -27.75 32.42
C GLN C 179 -39.99 -28.97 31.73
N SER C 180 -39.90 -30.07 32.48
CA SER C 180 -39.32 -31.30 31.96
C SER C 180 -40.18 -31.94 30.88
N SER C 181 -41.45 -31.56 30.77
CA SER C 181 -42.32 -32.11 29.75
C SER C 181 -41.98 -31.64 28.34
N GLY C 182 -41.14 -30.61 28.21
CA GLY C 182 -40.74 -30.11 26.91
C GLY C 182 -41.68 -29.09 26.29
N LEU C 183 -42.70 -28.64 27.02
CA LEU C 183 -43.62 -27.64 26.52
C LEU C 183 -43.69 -26.48 27.49
N TYR C 184 -43.94 -25.29 26.96
CA TYR C 184 -43.99 -24.08 27.76
C TYR C 184 -45.26 -24.01 28.61
N SER C 185 -45.18 -23.24 29.69
CA SER C 185 -46.29 -23.07 30.61
C SER C 185 -46.13 -21.75 31.34
N LEU C 186 -47.23 -21.01 31.44
CA LEU C 186 -47.22 -19.71 32.11
C LEU C 186 -48.53 -19.53 32.87
N SER C 187 -48.49 -18.65 33.86
CA SER C 187 -49.63 -18.34 34.70
C SER C 187 -50.08 -16.91 34.46
N SER C 188 -51.39 -16.69 34.47
CA SER C 188 -51.96 -15.36 34.27
C SER C 188 -52.95 -15.08 35.38
N VAL C 189 -52.81 -13.94 36.04
CA VAL C 189 -53.71 -13.54 37.12
C VAL C 189 -54.39 -12.22 36.77
N TYR C 202 -64.95 -10.51 32.62
CA TYR C 202 -63.92 -10.49 31.59
C TYR C 202 -63.48 -11.90 31.21
N ILE C 203 -63.37 -12.15 29.91
CA ILE C 203 -62.98 -13.45 29.38
C ILE C 203 -61.56 -13.34 28.86
N CYS C 204 -60.66 -14.16 29.40
CA CYS C 204 -59.29 -14.19 28.92
C CYS C 204 -59.25 -14.82 27.52
N ASN C 205 -58.40 -14.26 26.66
CA ASN C 205 -58.29 -14.68 25.26
C ASN C 205 -56.82 -14.97 24.97
N VAL C 206 -56.41 -16.21 25.21
CA VAL C 206 -55.04 -16.61 24.92
C VAL C 206 -54.89 -16.79 23.42
N ASN C 207 -54.01 -16.00 22.81
CA ASN C 207 -53.79 -16.03 21.38
C ASN C 207 -52.61 -16.93 21.04
N HIS C 208 -52.56 -17.37 19.78
CA HIS C 208 -51.47 -18.22 19.29
C HIS C 208 -51.23 -17.85 17.83
N LYS C 209 -50.19 -17.07 17.57
CA LYS C 209 -49.86 -16.69 16.21
C LYS C 209 -49.49 -17.90 15.35
N PRO C 210 -48.54 -18.78 15.77
CA PRO C 210 -48.20 -19.94 14.92
C PRO C 210 -49.31 -20.98 14.84
N SER C 211 -49.81 -21.40 16.00
CA SER C 211 -50.76 -22.52 16.02
C SER C 211 -52.14 -22.10 15.54
N ASN C 212 -52.48 -20.82 15.72
CA ASN C 212 -53.81 -20.29 15.35
C ASN C 212 -54.93 -20.99 16.10
N THR C 213 -54.63 -21.56 17.26
CA THR C 213 -55.62 -22.21 18.11
C THR C 213 -56.08 -21.24 19.19
N LYS C 214 -56.89 -20.27 18.78
CA LYS C 214 -57.40 -19.28 19.72
C LYS C 214 -58.34 -19.93 20.72
N VAL C 215 -58.12 -19.63 22.01
CA VAL C 215 -58.94 -20.15 23.09
C VAL C 215 -59.43 -18.98 23.92
N ASP C 216 -60.73 -18.95 24.20
CA ASP C 216 -61.35 -17.88 24.99
C ASP C 216 -62.07 -18.54 26.16
N LYS C 217 -61.38 -18.63 27.31
CA LYS C 217 -61.92 -19.26 28.50
C LYS C 217 -62.38 -18.18 29.47
N LYS C 218 -63.65 -18.25 29.88
CA LYS C 218 -64.19 -17.30 30.84
C LYS C 218 -63.56 -17.55 32.21
N VAL C 219 -63.04 -16.47 32.82
CA VAL C 219 -62.43 -16.57 34.14
C VAL C 219 -63.53 -16.83 35.16
N GLU C 220 -63.58 -18.06 35.68
CA GLU C 220 -64.61 -18.47 36.61
C GLU C 220 -63.96 -19.18 37.79
N PRO C 221 -64.56 -19.10 38.98
CA PRO C 221 -64.04 -19.77 40.17
C PRO C 221 -64.18 -21.29 40.08
N ILE D 2 -9.64 -8.58 27.63
CA ILE D 2 -10.43 -7.59 28.34
C ILE D 2 -11.73 -8.21 28.86
N GLN D 3 -11.86 -8.27 30.19
CA GLN D 3 -13.08 -8.71 30.82
C GLN D 3 -13.52 -7.67 31.84
N MET D 4 -14.74 -7.17 31.69
CA MET D 4 -15.26 -6.11 32.54
C MET D 4 -16.06 -6.75 33.69
N THR D 5 -15.49 -6.70 34.89
CA THR D 5 -16.21 -7.12 36.09
C THR D 5 -16.81 -5.88 36.77
N GLN D 6 -17.81 -5.32 36.09
CA GLN D 6 -18.45 -4.12 36.57
C GLN D 6 -19.11 -4.37 37.92
N SER D 7 -18.94 -3.42 38.83
CA SER D 7 -19.52 -3.51 40.15
C SER D 7 -20.69 -2.54 40.29
N PRO D 8 -21.68 -2.89 41.13
CA PRO D 8 -21.83 -4.13 41.89
C PRO D 8 -22.62 -5.17 41.12
N ALA D 9 -22.77 -6.39 41.67
CA ALA D 9 -23.63 -7.37 41.02
C ALA D 9 -25.07 -6.93 41.00
N SER D 10 -25.55 -6.38 42.12
CA SER D 10 -26.91 -5.84 42.20
C SER D 10 -26.95 -4.86 43.37
N LEU D 11 -27.92 -3.95 43.31
CA LEU D 11 -28.04 -2.96 44.38
C LEU D 11 -29.48 -2.45 44.41
N SER D 12 -29.85 -1.87 45.54
CA SER D 12 -31.13 -1.20 45.71
C SER D 12 -30.90 0.05 46.55
N ALA D 13 -31.47 1.17 46.10
CA ALA D 13 -31.30 2.45 46.78
C ALA D 13 -32.62 3.18 46.87
N SER D 14 -32.67 4.17 47.75
CA SER D 14 -33.90 4.91 47.99
C SER D 14 -34.20 5.83 46.82
N LEU D 15 -35.44 6.34 46.80
CA LEU D 15 -35.85 7.27 45.75
C LEU D 15 -35.03 8.55 45.82
N GLY D 16 -34.52 8.98 44.67
CA GLY D 16 -33.74 10.20 44.58
C GLY D 16 -32.31 10.10 45.03
N ASP D 17 -31.84 8.90 45.38
CA ASP D 17 -30.46 8.72 45.83
C ASP D 17 -29.50 8.66 44.65
N ILE D 18 -28.30 9.20 44.84
CA ILE D 18 -27.25 9.18 43.83
C ILE D 18 -26.39 7.94 44.04
N VAL D 19 -26.11 7.23 42.95
CA VAL D 19 -25.34 5.99 42.99
C VAL D 19 -24.34 5.99 41.84
N SER D 20 -23.13 5.51 42.12
CA SER D 20 -22.09 5.36 41.12
C SER D 20 -21.88 3.88 40.83
N ILE D 21 -21.83 3.53 39.56
CA ILE D 21 -21.62 2.15 39.12
C ILE D 21 -20.34 2.13 38.29
N GLU D 22 -19.36 1.35 38.74
CA GLU D 22 -18.02 1.37 38.17
C GLU D 22 -17.83 0.17 37.25
N CYS D 23 -17.18 0.41 36.11
CA CYS D 23 -16.81 -0.64 35.17
C CYS D 23 -15.30 -0.55 34.93
N LEU D 24 -14.54 -1.30 35.72
CA LEU D 24 -13.08 -1.32 35.59
C LEU D 24 -12.69 -2.29 34.49
N ALA D 25 -11.85 -1.82 33.57
CA ALA D 25 -11.42 -2.61 32.43
C ALA D 25 -10.07 -3.28 32.70
N SER D 26 -9.83 -4.39 32.00
CA SER D 26 -8.57 -5.11 32.16
C SER D 26 -7.38 -4.29 31.67
N GLU D 27 -7.61 -3.30 30.82
CA GLU D 27 -6.55 -2.42 30.36
C GLU D 27 -7.15 -1.07 29.99
N GLY D 28 -6.31 -0.05 29.96
CA GLY D 28 -6.76 1.28 29.61
C GLY D 28 -7.39 1.33 28.24
N ILE D 29 -8.69 1.64 28.19
CA ILE D 29 -9.45 1.55 26.94
C ILE D 29 -9.60 2.89 26.25
N SER D 30 -9.05 3.96 26.80
CA SER D 30 -9.05 5.28 26.16
C SER D 30 -10.48 5.74 25.83
N ASN D 31 -11.29 5.81 26.89
CA ASN D 31 -12.67 6.28 26.81
C ASN D 31 -13.51 5.46 25.83
N ASN D 32 -13.20 4.17 25.70
CA ASN D 32 -13.99 3.27 24.87
C ASN D 32 -14.95 2.43 25.72
N LEU D 33 -15.89 3.12 26.37
CA LEU D 33 -16.84 2.45 27.24
C LEU D 33 -18.22 3.05 27.04
N ALA D 34 -19.24 2.19 27.05
CA ALA D 34 -20.63 2.60 26.91
C ALA D 34 -21.47 1.93 27.97
N TRP D 35 -22.73 2.35 28.06
CA TRP D 35 -23.64 1.83 29.05
C TRP D 35 -24.98 1.55 28.40
N HIS D 36 -25.63 0.48 28.85
CA HIS D 36 -26.93 0.08 28.34
C HIS D 36 -27.84 -0.28 29.49
N GLN D 37 -29.14 -0.14 29.27
CA GLN D 37 -30.16 -0.44 30.27
C GLN D 37 -31.16 -1.43 29.68
N GLN D 38 -31.48 -2.47 30.45
CA GLN D 38 -32.31 -3.58 29.97
C GLN D 38 -33.63 -3.58 30.73
N LYS D 39 -34.67 -3.05 30.09
CA LYS D 39 -36.00 -3.21 30.64
C LYS D 39 -36.50 -4.64 30.38
N PRO D 40 -37.29 -5.20 31.29
CA PRO D 40 -37.75 -6.59 31.11
C PRO D 40 -38.60 -6.74 29.86
N GLY D 41 -38.39 -7.85 29.15
CA GLY D 41 -39.16 -8.14 27.96
C GLY D 41 -38.95 -7.15 26.82
N LYS D 42 -37.91 -6.33 26.89
CA LYS D 42 -37.66 -5.31 25.89
C LYS D 42 -36.19 -5.31 25.52
N SER D 43 -35.88 -4.64 24.41
CA SER D 43 -34.50 -4.53 23.98
C SER D 43 -33.74 -3.52 24.84
N PRO D 44 -32.45 -3.76 25.08
CA PRO D 44 -31.65 -2.77 25.83
C PRO D 44 -31.52 -1.46 25.09
N GLN D 45 -31.36 -0.38 25.85
CA GLN D 45 -31.25 0.96 25.30
C GLN D 45 -29.92 1.59 25.71
N LEU D 46 -29.31 2.32 24.78
CA LEU D 46 -28.06 3.00 25.06
C LEU D 46 -28.30 4.21 25.97
N LEU D 47 -27.43 4.37 26.98
CA LEU D 47 -27.51 5.49 27.91
C LEU D 47 -26.33 6.43 27.79
N ILE D 48 -25.11 5.93 27.95
CA ILE D 48 -23.90 6.73 27.95
C ILE D 48 -22.97 6.22 26.86
N TYR D 49 -22.50 7.13 26.01
CA TYR D 49 -21.58 6.78 24.94
C TYR D 49 -20.35 7.67 25.04
N GLY D 50 -19.20 7.11 24.69
CA GLY D 50 -17.95 7.84 24.85
C GLY D 50 -17.48 7.98 26.28
N ALA D 51 -18.12 7.27 27.22
CA ALA D 51 -17.79 7.22 28.63
C ALA D 51 -18.14 8.52 29.36
N HIS D 52 -18.54 9.56 28.64
CA HIS D 52 -18.95 10.80 29.29
C HIS D 52 -20.29 11.32 28.76
N SER D 53 -20.57 11.08 27.48
CA SER D 53 -21.67 11.75 26.81
C SER D 53 -23.00 11.09 27.13
N LEU D 54 -24.08 11.84 26.88
CA LEU D 54 -25.44 11.39 27.14
C LEU D 54 -26.13 11.10 25.81
N HIS D 55 -26.79 9.95 25.73
CA HIS D 55 -27.55 9.61 24.54
C HIS D 55 -28.86 10.37 24.50
N ASP D 56 -29.35 10.62 23.28
CA ASP D 56 -30.58 11.36 23.10
C ASP D 56 -31.77 10.60 23.68
N GLY D 57 -32.69 11.33 24.30
CA GLY D 57 -33.84 10.74 24.93
C GLY D 57 -33.61 10.21 26.32
N VAL D 58 -32.38 10.28 26.83
CA VAL D 58 -32.05 9.82 28.18
C VAL D 58 -32.20 10.98 29.15
N PRO D 59 -32.80 10.77 30.32
CA PRO D 59 -32.87 11.85 31.31
C PRO D 59 -31.48 12.30 31.73
N SER D 60 -31.37 13.58 32.04
CA SER D 60 -30.08 14.18 32.34
C SER D 60 -29.49 13.69 33.67
N ARG D 61 -30.27 12.96 34.47
CA ARG D 61 -29.73 12.42 35.72
C ARG D 61 -28.57 11.47 35.47
N PHE D 62 -28.56 10.80 34.32
CA PHE D 62 -27.46 9.92 33.97
C PHE D 62 -26.23 10.73 33.59
N SER D 63 -25.05 10.24 33.99
CA SER D 63 -23.81 10.93 33.70
C SER D 63 -22.68 9.92 33.61
N GLY D 64 -21.71 10.22 32.75
CA GLY D 64 -20.55 9.36 32.58
C GLY D 64 -19.27 10.14 32.82
N SER D 65 -18.27 9.45 33.37
CA SER D 65 -16.99 10.07 33.69
C SER D 65 -15.92 8.99 33.68
N GLY D 66 -14.69 9.39 33.98
CA GLY D 66 -13.55 8.50 34.03
C GLY D 66 -12.70 8.57 32.78
N SER D 67 -11.51 7.99 32.89
CA SER D 67 -10.58 7.94 31.77
C SER D 67 -9.59 6.80 32.03
N GLY D 68 -8.95 6.36 30.96
CA GLY D 68 -7.99 5.27 31.07
C GLY D 68 -8.64 3.93 31.37
N THR D 69 -8.50 3.47 32.61
CA THR D 69 -9.04 2.18 33.03
C THR D 69 -10.32 2.31 33.85
N GLN D 70 -10.40 3.32 34.72
CA GLN D 70 -11.54 3.46 35.63
C GLN D 70 -12.61 4.37 35.04
N TYR D 71 -13.86 3.94 35.13
CA TYR D 71 -15.00 4.70 34.64
C TYR D 71 -16.15 4.57 35.62
N SER D 72 -17.07 5.53 35.57
CA SER D 72 -18.18 5.57 36.50
C SER D 72 -19.47 5.94 35.78
N LEU D 73 -20.55 5.28 36.17
CA LEU D 73 -21.91 5.60 35.74
C LEU D 73 -22.63 6.17 36.95
N LYS D 74 -22.80 7.48 36.97
CA LYS D 74 -23.45 8.16 38.09
C LYS D 74 -24.88 8.51 37.71
N ILE D 75 -25.82 8.15 38.59
CA ILE D 75 -27.23 8.43 38.39
C ILE D 75 -27.66 9.43 39.46
N SER D 76 -28.07 10.62 39.01
CA SER D 76 -28.44 11.71 39.92
C SER D 76 -29.90 11.54 40.33
N GLY D 77 -30.11 10.64 41.29
CA GLY D 77 -31.45 10.37 41.77
C GLY D 77 -32.18 9.36 40.91
N MET D 78 -32.85 8.40 41.55
CA MET D 78 -33.57 7.36 40.83
C MET D 78 -35.08 7.62 40.85
N GLN D 79 -35.78 6.89 39.98
CA GLN D 79 -37.23 6.93 39.84
C GLN D 79 -37.71 5.51 39.53
N PRO D 80 -39.01 5.23 39.62
CA PRO D 80 -39.49 3.90 39.18
C PRO D 80 -39.16 3.59 37.73
N GLU D 81 -39.02 4.61 36.90
CA GLU D 81 -38.65 4.40 35.50
C GLU D 81 -37.21 3.90 35.36
N ASP D 82 -36.41 3.96 36.42
CA ASP D 82 -34.99 3.64 36.34
C ASP D 82 -34.69 2.16 36.49
N GLU D 83 -35.71 1.31 36.68
CA GLU D 83 -35.47 -0.11 36.87
C GLU D 83 -34.94 -0.75 35.59
N GLY D 84 -33.98 -1.66 35.75
CA GLY D 84 -33.41 -2.36 34.62
C GLY D 84 -32.08 -2.97 34.98
N VAL D 85 -31.51 -3.67 34.00
CA VAL D 85 -30.21 -4.32 34.13
C VAL D 85 -29.21 -3.52 33.32
N TYR D 86 -28.15 -3.05 33.98
CA TYR D 86 -27.21 -2.10 33.39
C TYR D 86 -25.92 -2.83 33.00
N TYR D 87 -25.55 -2.72 31.73
CA TYR D 87 -24.37 -3.38 31.18
C TYR D 87 -23.39 -2.33 30.68
N CYS D 88 -22.12 -2.47 31.09
CA CYS D 88 -21.05 -1.65 30.54
C CYS D 88 -20.41 -2.39 29.38
N GLN D 89 -20.27 -1.71 28.25
CA GLN D 89 -19.78 -2.32 27.03
C GLN D 89 -18.47 -1.67 26.63
N GLN D 90 -17.44 -2.48 26.40
CA GLN D 90 -16.14 -1.99 25.97
C GLN D 90 -16.01 -2.07 24.46
N GLY D 91 -15.12 -1.27 23.91
CA GLY D 91 -14.87 -1.27 22.48
C GLY D 91 -13.40 -1.23 22.12
N TYR D 92 -12.55 -1.78 22.99
CA TYR D 92 -11.11 -1.75 22.79
C TYR D 92 -10.63 -2.94 21.95
N LYS D 93 -10.86 -4.16 22.41
CA LYS D 93 -10.39 -5.35 21.72
C LYS D 93 -11.58 -6.17 21.24
N TYR D 94 -11.27 -7.34 20.68
CA TYR D 94 -12.30 -8.24 20.20
C TYR D 94 -12.06 -9.65 20.72
N PRO D 95 -13.12 -10.35 21.16
CA PRO D 95 -14.55 -9.99 21.06
C PRO D 95 -14.99 -8.88 22.00
N ILE D 96 -16.10 -8.22 21.68
CA ILE D 96 -16.66 -7.20 22.56
C ILE D 96 -17.04 -7.84 23.90
N THR D 97 -16.77 -7.11 24.98
CA THR D 97 -17.03 -7.61 26.32
C THR D 97 -18.10 -6.76 26.99
N PHE D 98 -18.82 -7.37 27.93
CA PHE D 98 -19.88 -6.72 28.67
C PHE D 98 -19.68 -6.94 30.16
N GLY D 99 -20.44 -6.20 30.95
CA GLY D 99 -20.48 -6.42 32.38
C GLY D 99 -21.49 -7.47 32.77
N GLY D 100 -21.46 -7.83 34.05
CA GLY D 100 -22.39 -8.83 34.55
C GLY D 100 -23.82 -8.36 34.62
N GLY D 101 -24.04 -7.05 34.67
CA GLY D 101 -25.38 -6.51 34.72
C GLY D 101 -25.85 -6.23 36.13
N THR D 102 -26.15 -4.97 36.42
CA THR D 102 -26.61 -4.55 37.74
C THR D 102 -28.12 -4.39 37.73
N LYS D 103 -28.81 -5.07 38.64
CA LYS D 103 -30.26 -5.00 38.74
C LYS D 103 -30.60 -3.76 39.58
N LEU D 104 -30.87 -2.66 38.90
CA LEU D 104 -31.20 -1.39 39.57
C LEU D 104 -32.68 -1.41 39.95
N GLU D 105 -32.97 -2.17 41.00
CA GLU D 105 -34.33 -2.33 41.50
C GLU D 105 -34.51 -1.37 42.68
N LEU D 106 -35.36 -0.37 42.51
CA LEU D 106 -35.60 0.61 43.56
C LEU D 106 -36.39 -0.02 44.71
N LYS D 107 -36.01 0.34 45.94
CA LYS D 107 -36.64 -0.24 47.11
C LYS D 107 -37.85 0.58 47.55
N ARG D 108 -38.66 -0.03 48.42
CA ARG D 108 -39.79 0.64 49.04
C ARG D 108 -39.95 0.06 50.45
N THR D 109 -40.98 0.53 51.16
CA THR D 109 -41.26 -0.01 52.49
C THR D 109 -41.49 -1.51 52.42
N VAL D 110 -40.95 -2.23 53.40
CA VAL D 110 -41.02 -3.69 53.41
C VAL D 110 -42.47 -4.13 53.62
N ALA D 111 -42.92 -5.04 52.77
CA ALA D 111 -44.28 -5.56 52.86
C ALA D 111 -44.32 -6.82 53.72
N SER D 131 -57.60 -27.67 38.72
CA SER D 131 -56.63 -27.52 39.79
C SER D 131 -56.74 -26.14 40.44
N VAL D 132 -56.39 -26.07 41.72
CA VAL D 132 -56.43 -24.82 42.47
C VAL D 132 -55.04 -24.19 42.43
N VAL D 133 -55.00 -22.86 42.33
CA VAL D 133 -53.76 -22.11 42.25
C VAL D 133 -53.67 -21.20 43.47
N CYS D 134 -52.56 -21.28 44.19
CA CYS D 134 -52.32 -20.46 45.37
C CYS D 134 -51.59 -19.20 44.96
N LEU D 135 -52.20 -18.05 45.20
CA LEU D 135 -51.64 -16.76 44.81
C LEU D 135 -50.99 -16.10 46.02
N LEU D 136 -49.79 -15.57 45.83
CA LEU D 136 -49.06 -14.85 46.86
C LEU D 136 -48.73 -13.46 46.33
N ASN D 137 -49.01 -12.44 47.13
CA ASN D 137 -48.85 -11.06 46.69
C ASN D 137 -48.29 -10.24 47.84
N ASN D 138 -47.53 -9.20 47.49
CA ASN D 138 -46.97 -8.25 48.46
C ASN D 138 -46.02 -8.93 49.45
N PHE D 139 -44.95 -9.49 48.89
CA PHE D 139 -43.85 -10.00 49.69
C PHE D 139 -42.56 -9.35 49.21
N TYR D 140 -41.71 -8.96 50.17
CA TYR D 140 -40.50 -8.21 49.84
C TYR D 140 -39.47 -8.32 50.95
N PRO D 141 -38.26 -8.82 50.66
CA PRO D 141 -37.87 -9.49 49.42
C PRO D 141 -38.37 -10.93 49.39
N ARG D 142 -37.79 -11.77 48.53
CA ARG D 142 -38.12 -13.20 48.52
C ARG D 142 -36.87 -14.02 48.82
N ASN D 158 -39.29 -30.14 41.37
CA ASN D 158 -40.34 -30.53 40.44
C ASN D 158 -40.59 -29.42 39.42
N SER D 159 -41.32 -28.39 39.84
CA SER D 159 -41.64 -27.25 38.99
C SER D 159 -41.06 -25.97 39.60
N GLN D 160 -40.42 -25.16 38.77
CA GLN D 160 -39.86 -23.88 39.17
C GLN D 160 -40.76 -22.77 38.67
N GLU D 161 -41.04 -21.81 39.55
CA GLU D 161 -41.98 -20.73 39.25
C GLU D 161 -41.24 -19.40 39.16
N SER D 162 -41.56 -18.63 38.14
CA SER D 162 -40.94 -17.33 37.91
C SER D 162 -41.79 -16.22 38.50
N VAL D 163 -41.15 -15.12 38.85
CA VAL D 163 -41.81 -13.95 39.40
C VAL D 163 -41.61 -12.78 38.44
N THR D 164 -42.70 -12.09 38.13
CA THR D 164 -42.62 -10.95 37.23
C THR D 164 -41.88 -9.79 37.91
N GLU D 165 -41.32 -8.91 37.09
CA GLU D 165 -40.66 -7.74 37.60
C GLU D 165 -41.66 -6.80 38.27
N GLN D 166 -41.15 -5.94 39.15
CA GLN D 166 -42.02 -5.05 39.91
C GLN D 166 -42.73 -4.09 38.96
N ASP D 167 -44.00 -3.81 39.26
CA ASP D 167 -44.79 -2.89 38.46
C ASP D 167 -44.40 -1.45 38.78
N SER D 168 -44.59 -0.57 37.78
CA SER D 168 -44.23 0.83 37.93
C SER D 168 -45.15 1.59 38.88
N LYS D 169 -46.26 0.99 39.30
CA LYS D 169 -47.23 1.68 40.15
C LYS D 169 -46.86 1.57 41.63
N ASP D 170 -46.77 0.34 42.14
CA ASP D 170 -46.51 0.12 43.57
C ASP D 170 -45.29 -0.73 43.85
N SER D 171 -44.64 -1.30 42.83
CA SER D 171 -43.41 -2.07 42.98
C SER D 171 -43.59 -3.25 43.93
N THR D 172 -44.48 -4.15 43.55
CA THR D 172 -44.75 -5.36 44.31
C THR D 172 -44.31 -6.59 43.50
N TYR D 173 -44.14 -7.70 44.20
CA TYR D 173 -43.78 -8.97 43.58
C TYR D 173 -44.82 -10.02 43.96
N SER D 174 -45.26 -10.78 42.95
CA SER D 174 -46.28 -11.80 43.13
C SER D 174 -45.76 -13.15 42.62
N LEU D 175 -46.20 -14.23 43.26
CA LEU D 175 -45.82 -15.57 42.89
C LEU D 175 -47.06 -16.46 42.83
N SER D 176 -47.12 -17.30 41.82
CA SER D 176 -48.18 -18.30 41.68
C SER D 176 -47.56 -19.65 41.37
N SER D 177 -47.88 -20.65 42.18
CA SER D 177 -47.34 -21.99 42.04
C SER D 177 -48.47 -22.99 41.90
N THR D 178 -48.30 -23.94 40.99
CA THR D 178 -49.28 -24.99 40.75
C THR D 178 -48.85 -26.26 41.47
N LEU D 179 -49.76 -26.83 42.26
CA LEU D 179 -49.46 -28.03 43.03
C LEU D 179 -50.68 -28.93 43.17
#